data_2VQG
#
_entry.id   2VQG
#
_cell.length_a   87.070
_cell.length_b   87.070
_cell.length_c   260.530
_cell.angle_alpha   90.00
_cell.angle_beta   90.00
_cell.angle_gamma   90.00
#
_symmetry.space_group_name_H-M   'P 41 21 2'
#
loop_
_entity.id
_entity.type
_entity.pdbx_description
1 polymer 'UNCHARACTERIZED PROTEIN CGL0972'
2 non-polymer 'ZINC ION'
3 non-polymer 'CACODYLATE ION'
4 non-polymer 'ACETATE ION'
5 non-polymer (4R)-2-METHYLPENTANE-2,4-DIOL
6 non-polymer 3,6,9,12,15,18,21,24,27-nonaoxaheptatriacontan-1-ol
7 water water
#
_entity_poly.entity_id   1
_entity_poly.type   'polypeptide(L)'
_entity_poly.pdbx_seq_one_letter_code
;SDFANLSSTNKELSPQYNWVACGILEGGLKAAGVLEEGQYNRELAEAIAAKGEGFWTTQFPQIGDWNEDQAAALADRAQT
CGLVKADTYLSELSSNFSS
;
_entity_poly.pdbx_strand_id   A,B,C,D,E,F,G,H,I
#
# COMPACT_ATOMS: atom_id res chain seq x y z
N LEU A 13 -19.16 -6.86 6.89
CA LEU A 13 -17.76 -7.32 7.10
C LEU A 13 -16.79 -6.16 7.25
N SER A 14 -16.15 -6.08 8.41
CA SER A 14 -15.22 -5.01 8.68
C SER A 14 -13.86 -5.31 8.06
N PRO A 15 -13.32 -4.35 7.29
CA PRO A 15 -12.01 -4.50 6.65
C PRO A 15 -10.91 -4.71 7.69
N GLN A 16 -11.22 -4.36 8.93
CA GLN A 16 -10.26 -4.56 10.02
C GLN A 16 -9.88 -6.03 10.20
N TYR A 17 -10.69 -6.97 9.71
CA TYR A 17 -10.28 -8.38 9.84
C TYR A 17 -10.11 -9.12 8.52
N ASN A 18 -9.85 -8.40 7.45
CA ASN A 18 -9.56 -9.03 6.16
C ASN A 18 -8.10 -9.53 6.17
N TRP A 19 -7.71 -10.27 5.15
CA TRP A 19 -6.41 -10.95 5.17
C TRP A 19 -5.27 -9.94 5.14
N VAL A 20 -5.54 -8.76 4.59
CA VAL A 20 -4.48 -7.71 4.50
C VAL A 20 -4.25 -7.17 5.90
N ALA A 21 -5.31 -6.74 6.58
CA ALA A 21 -5.14 -6.27 7.95
C ALA A 21 -4.53 -7.35 8.86
N CYS A 22 -5.04 -8.57 8.75
CA CYS A 22 -4.54 -9.67 9.56
C CYS A 22 -3.10 -10.03 9.21
N GLY A 23 -2.76 -9.91 7.94
CA GLY A 23 -1.37 -10.19 7.52
C GLY A 23 -0.38 -9.12 7.99
N ILE A 24 -0.81 -7.86 8.01
CA ILE A 24 0.03 -6.80 8.60
C ILE A 24 0.23 -7.06 10.11
N LEU A 25 -0.85 -7.42 10.79
CA LEU A 25 -0.78 -7.76 12.20
C LEU A 25 0.19 -8.92 12.40
N GLU A 26 0.07 -9.95 11.56
CA GLU A 26 0.90 -11.17 11.74
C GLU A 26 2.39 -10.84 11.50
N GLY A 27 2.69 -10.14 10.40
CA GLY A 27 4.07 -9.70 10.10
C GLY A 27 4.63 -8.87 11.26
N GLY A 28 3.83 -7.91 11.72
CA GLY A 28 4.30 -7.01 12.79
C GLY A 28 4.59 -7.75 14.10
N LEU A 29 3.74 -8.73 14.46
CA LEU A 29 3.94 -9.51 15.67
C LEU A 29 5.14 -10.45 15.53
N LYS A 30 5.37 -11.00 14.33
CA LYS A 30 6.59 -11.79 14.09
C LYS A 30 7.82 -10.91 14.20
N ALA A 31 7.79 -9.75 13.54
CA ALA A 31 8.96 -8.84 13.56
C ALA A 31 9.28 -8.33 14.96
N ALA A 32 8.25 -8.23 15.80
CA ALA A 32 8.39 -7.80 17.18
C ALA A 32 8.87 -8.94 18.11
N GLY A 33 8.94 -10.15 17.58
CA GLY A 33 9.43 -11.31 18.32
C GLY A 33 8.46 -11.88 19.35
N VAL A 34 7.16 -11.64 19.18
CA VAL A 34 6.15 -12.09 20.14
C VAL A 34 5.26 -13.22 19.63
N LEU A 35 5.10 -13.32 18.31
CA LEU A 35 4.27 -14.38 17.73
C LEU A 35 5.09 -15.56 17.28
N GLU A 36 4.65 -16.75 17.67
CA GLU A 36 5.21 -18.02 17.20
C GLU A 36 4.17 -19.12 16.94
N GLU A 37 4.69 -20.29 16.58
CA GLU A 37 3.91 -21.42 16.09
C GLU A 37 3.25 -22.21 17.24
N GLY A 38 2.01 -22.62 17.01
CA GLY A 38 1.28 -23.44 17.99
C GLY A 38 1.03 -22.68 19.27
N GLN A 39 1.08 -21.36 19.16
CA GLN A 39 0.93 -20.51 20.30
C GLN A 39 -0.54 -20.38 20.66
N TYR A 40 -0.82 -20.42 21.96
CA TYR A 40 -2.14 -20.12 22.48
C TYR A 40 -2.29 -18.62 22.67
N ASN A 41 -3.53 -18.15 22.68
CA ASN A 41 -3.84 -16.75 22.97
C ASN A 41 -3.07 -16.25 24.20
N ARG A 42 -3.21 -16.97 25.31
N ARG A 42 -3.20 -16.96 25.32
CA ARG A 42 -2.58 -16.59 26.57
CA ARG A 42 -2.56 -16.53 26.56
C ARG A 42 -1.07 -16.37 26.45
C ARG A 42 -1.05 -16.34 26.43
N GLU A 43 -0.40 -17.24 25.70
CA GLU A 43 1.05 -17.18 25.50
C GLU A 43 1.47 -15.93 24.72
N LEU A 44 0.72 -15.63 23.65
CA LEU A 44 0.98 -14.39 22.91
C LEU A 44 0.78 -13.15 23.80
N ALA A 45 -0.31 -13.12 24.56
CA ALA A 45 -0.58 -11.98 25.43
C ALA A 45 0.58 -11.79 26.41
N GLU A 46 1.07 -12.90 26.95
CA GLU A 46 2.19 -12.85 27.90
C GLU A 46 3.46 -12.36 27.25
N ALA A 47 3.69 -12.80 26.02
CA ALA A 47 4.87 -12.38 25.29
C ALA A 47 4.82 -10.89 24.95
N ILE A 48 3.64 -10.40 24.54
CA ILE A 48 3.47 -8.96 24.28
C ILE A 48 3.72 -8.15 25.56
N ALA A 49 3.10 -8.58 26.66
CA ALA A 49 3.27 -7.88 27.95
C ALA A 49 4.74 -7.82 28.38
N ALA A 50 5.46 -8.93 28.21
CA ALA A 50 6.86 -8.97 28.60
C ALA A 50 7.67 -7.92 27.82
N LYS A 51 7.38 -7.80 26.52
CA LYS A 51 8.11 -6.82 25.70
C LYS A 51 7.62 -5.38 25.94
N GLY A 52 6.42 -5.23 26.48
CA GLY A 52 5.91 -3.90 26.82
C GLY A 52 6.42 -3.36 28.17
N GLU A 53 7.04 -4.23 28.96
CA GLU A 53 7.59 -3.82 30.27
C GLU A 53 8.74 -2.86 30.09
N GLY A 54 8.89 -1.94 31.04
CA GLY A 54 9.98 -0.98 31.00
C GLY A 54 9.85 -0.08 32.19
N PHE A 55 10.57 1.04 32.14
CA PHE A 55 10.58 1.98 33.23
C PHE A 55 9.16 2.26 33.79
N TRP A 56 8.23 2.59 32.90
CA TRP A 56 6.90 3.08 33.38
C TRP A 56 6.03 1.98 33.97
N THR A 57 6.12 0.77 33.42
CA THR A 57 5.32 -0.34 33.96
C THR A 57 5.83 -0.75 35.32
N THR A 58 7.13 -0.63 35.52
CA THR A 58 7.71 -0.96 36.83
C THR A 58 7.24 0.05 37.90
N GLN A 59 7.26 1.33 37.55
CA GLN A 59 7.08 2.39 38.54
C GLN A 59 5.62 2.63 38.93
N PHE A 60 4.69 2.34 38.02
CA PHE A 60 3.25 2.71 38.21
C PHE A 60 2.34 1.55 37.88
N PRO A 61 1.67 0.97 38.90
CA PRO A 61 0.68 -0.10 38.74
C PRO A 61 -0.30 0.11 37.61
N GLN A 62 -0.79 1.34 37.44
N GLN A 62 -0.79 1.34 37.44
CA GLN A 62 -1.78 1.63 36.39
CA GLN A 62 -1.77 1.62 36.39
C GLN A 62 -1.20 1.42 35.00
C GLN A 62 -1.19 1.35 35.01
N ILE A 63 0.09 1.67 34.85
CA ILE A 63 0.77 1.46 33.56
C ILE A 63 1.05 -0.03 33.36
N GLY A 64 1.49 -0.73 34.42
CA GLY A 64 1.61 -2.17 34.37
C GLY A 64 0.29 -2.81 33.94
N ASP A 65 -0.80 -2.32 34.51
CA ASP A 65 -2.12 -2.85 34.20
CA ASP A 65 -2.12 -2.86 34.19
C ASP A 65 -2.52 -2.56 32.74
N TRP A 66 -2.27 -1.33 32.30
CA TRP A 66 -2.52 -0.94 30.90
C TRP A 66 -1.75 -1.87 29.95
N ASN A 67 -0.47 -2.11 30.26
CA ASN A 67 0.34 -3.05 29.47
C ASN A 67 -0.34 -4.42 29.33
N GLU A 68 -0.75 -5.01 30.46
N GLU A 68 -0.77 -5.01 30.46
CA GLU A 68 -1.37 -6.34 30.46
CA GLU A 68 -1.36 -6.34 30.43
C GLU A 68 -2.68 -6.32 29.68
C GLU A 68 -2.71 -6.36 29.73
N ASP A 69 -3.50 -5.31 29.94
CA ASP A 69 -4.81 -5.20 29.28
C ASP A 69 -4.71 -5.03 27.77
N GLN A 70 -3.78 -4.19 27.31
CA GLN A 70 -3.58 -4.00 25.88
C GLN A 70 -2.93 -5.22 25.23
N ALA A 71 -2.05 -5.92 25.95
CA ALA A 71 -1.47 -7.16 25.45
C ALA A 71 -2.59 -8.20 25.25
N ALA A 72 -3.48 -8.28 26.23
CA ALA A 72 -4.61 -9.21 26.15
C ALA A 72 -5.50 -8.88 24.95
N ALA A 73 -5.81 -7.60 24.79
CA ALA A 73 -6.66 -7.15 23.68
C ALA A 73 -6.03 -7.42 22.32
N LEU A 74 -4.71 -7.21 22.22
CA LEU A 74 -4.01 -7.44 20.96
C LEU A 74 -3.96 -8.95 20.62
N ALA A 75 -3.79 -9.79 21.65
CA ALA A 75 -3.74 -11.23 21.44
C ALA A 75 -5.11 -11.71 21.01
N ASP A 76 -6.16 -11.10 21.58
CA ASP A 76 -7.54 -11.37 21.12
C ASP A 76 -7.72 -11.06 19.63
N ARG A 77 -7.21 -9.91 19.18
CA ARG A 77 -7.30 -9.54 17.77
CA ARG A 77 -7.26 -9.52 17.77
C ARG A 77 -6.52 -10.53 16.89
N ALA A 78 -5.36 -10.98 17.36
CA ALA A 78 -4.60 -12.02 16.69
C ALA A 78 -5.39 -13.34 16.56
N GLN A 79 -6.10 -13.72 17.61
CA GLN A 79 -6.89 -14.95 17.56
C GLN A 79 -8.00 -14.83 16.52
N THR A 80 -8.67 -13.67 16.51
CA THR A 80 -9.72 -13.40 15.52
C THR A 80 -9.15 -13.52 14.11
N CYS A 81 -7.92 -13.06 13.95
CA CYS A 81 -7.19 -13.14 12.67
C CYS A 81 -6.67 -14.55 12.34
N GLY A 82 -6.94 -15.51 13.23
CA GLY A 82 -6.53 -16.91 13.09
C GLY A 82 -5.06 -17.19 13.32
N LEU A 83 -4.39 -16.31 14.08
CA LEU A 83 -2.95 -16.37 14.29
C LEU A 83 -2.50 -17.18 15.51
N VAL A 84 -3.41 -17.38 16.46
CA VAL A 84 -3.15 -18.13 17.67
C VAL A 84 -4.38 -18.99 18.03
N LYS A 85 -4.15 -20.01 18.85
CA LYS A 85 -5.20 -20.91 19.33
C LYS A 85 -5.99 -20.34 20.52
N ALA A 86 -7.28 -20.68 20.59
CA ALA A 86 -8.13 -20.36 21.75
C ALA A 86 -7.69 -21.12 23.05
N ASP A 87 -8.00 -20.47 24.13
CA ASP A 87 -7.73 -21.10 25.41
C ASP A 87 -8.75 -22.16 25.68
N THR A 88 -8.24 -23.30 26.18
CA THR A 88 -9.15 -24.37 26.58
C THR A 88 -9.24 -24.53 28.09
N LYS B 11 13.64 1.45 -14.60
CA LYS B 11 14.31 0.14 -14.31
C LYS B 11 15.83 0.21 -14.12
N GLU B 12 16.48 1.25 -14.66
CA GLU B 12 17.89 1.51 -14.30
C GLU B 12 17.98 2.07 -12.86
N LEU B 13 17.12 3.04 -12.54
CA LEU B 13 16.88 3.39 -11.13
C LEU B 13 16.32 2.15 -10.47
N SER B 14 16.87 1.80 -9.32
CA SER B 14 16.49 0.60 -8.61
C SER B 14 15.22 0.87 -7.78
N PRO B 15 14.13 0.13 -8.08
CA PRO B 15 12.93 0.17 -7.24
C PRO B 15 13.27 -0.24 -5.82
N GLN B 16 14.46 -0.78 -5.63
CA GLN B 16 14.96 -1.06 -4.29
C GLN B 16 15.04 0.23 -3.46
N TYR B 17 15.14 1.39 -4.12
CA TYR B 17 15.35 2.62 -3.35
C TYR B 17 14.29 3.70 -3.62
N ASN B 18 13.11 3.29 -4.08
CA ASN B 18 12.00 4.24 -4.21
C ASN B 18 11.38 4.51 -2.84
N TRP B 19 10.42 5.43 -2.79
CA TRP B 19 9.90 5.86 -1.48
C TRP B 19 9.16 4.75 -0.74
N VAL B 20 8.57 3.83 -1.50
CA VAL B 20 7.86 2.69 -0.86
C VAL B 20 8.84 1.78 -0.15
N ALA B 21 9.86 1.32 -0.89
CA ALA B 21 10.90 0.49 -0.31
C ALA B 21 11.62 1.17 0.86
N CYS B 22 12.01 2.42 0.66
CA CYS B 22 12.67 3.16 1.71
C CYS B 22 11.79 3.40 2.93
N GLY B 23 10.50 3.63 2.67
CA GLY B 23 9.47 3.85 3.70
C GLY B 23 9.32 2.61 4.55
N ILE B 24 9.27 1.45 3.90
CA ILE B 24 9.20 0.16 4.61
C ILE B 24 10.44 -0.04 5.48
N LEU B 25 11.62 0.20 4.92
CA LEU B 25 12.85 0.12 5.69
C LEU B 25 12.85 1.08 6.90
N GLU B 26 12.45 2.32 6.68
CA GLU B 26 12.39 3.29 7.79
C GLU B 26 11.46 2.79 8.91
N GLY B 27 10.23 2.43 8.54
CA GLY B 27 9.20 1.95 9.50
C GLY B 27 9.72 0.74 10.25
N GLY B 28 10.28 -0.22 9.51
CA GLY B 28 10.80 -1.44 10.15
C GLY B 28 11.94 -1.15 11.11
N LEU B 29 12.85 -0.26 10.72
CA LEU B 29 13.99 0.04 11.59
C LEU B 29 13.54 0.83 12.83
N LYS B 30 12.56 1.70 12.67
CA LYS B 30 11.94 2.39 13.82
C LYS B 30 11.21 1.42 14.75
N ALA B 31 10.39 0.52 14.17
CA ALA B 31 9.66 -0.48 14.97
C ALA B 31 10.61 -1.42 15.71
N ALA B 32 11.76 -1.74 15.11
CA ALA B 32 12.78 -2.59 15.75
C ALA B 32 13.59 -1.84 16.82
N GLY B 33 13.33 -0.55 16.96
CA GLY B 33 13.97 0.35 17.95
C GLY B 33 15.46 0.61 17.69
N VAL B 34 15.89 0.58 16.43
CA VAL B 34 17.29 0.86 16.12
C VAL B 34 17.52 2.21 15.41
N LEU B 35 16.54 2.68 14.64
CA LEU B 35 16.68 3.95 13.92
C LEU B 35 16.18 5.12 14.75
N GLU B 36 16.96 6.19 14.78
CA GLU B 36 16.53 7.43 15.43
C GLU B 36 16.86 8.69 14.62
N GLU B 37 16.25 9.81 14.99
CA GLU B 37 16.43 11.09 14.31
C GLU B 37 17.89 11.59 14.43
N GLY B 38 18.42 12.15 13.35
CA GLY B 38 19.77 12.71 13.37
C GLY B 38 20.90 11.72 13.50
N GLN B 39 20.64 10.44 13.22
CA GLN B 39 21.66 9.39 13.33
C GLN B 39 22.65 9.40 12.18
N TYR B 40 23.91 9.08 12.51
CA TYR B 40 24.91 8.78 11.51
C TYR B 40 24.89 7.30 11.17
N ASN B 41 25.44 6.97 10.00
CA ASN B 41 25.48 5.60 9.50
C ASN B 41 26.09 4.69 10.57
N ARG B 42 27.25 5.07 11.11
CA ARG B 42 27.94 4.22 12.08
C ARG B 42 27.06 3.95 13.31
N GLU B 43 26.34 4.97 13.76
CA GLU B 43 25.46 4.82 14.91
C GLU B 43 24.33 3.84 14.68
N LEU B 44 23.70 3.92 13.51
CA LEU B 44 22.69 2.92 13.15
C LEU B 44 23.29 1.52 13.11
N ALA B 45 24.47 1.39 12.50
CA ALA B 45 25.11 0.10 12.38
C ALA B 45 25.37 -0.51 13.76
N GLU B 46 25.86 0.32 14.69
N GLU B 46 25.86 0.32 14.69
CA GLU B 46 26.12 -0.15 16.06
CA GLU B 46 26.12 -0.12 16.07
C GLU B 46 24.85 -0.53 16.82
C GLU B 46 24.85 -0.55 16.79
N ALA B 47 23.77 0.22 16.59
CA ALA B 47 22.48 -0.06 17.21
C ALA B 47 21.92 -1.39 16.70
N ILE B 48 22.01 -1.61 15.39
CA ILE B 48 21.60 -2.91 14.80
C ILE B 48 22.47 -4.06 15.37
N ALA B 49 23.78 -3.89 15.30
CA ALA B 49 24.66 -4.93 15.83
C ALA B 49 24.39 -5.27 17.31
N ALA B 50 24.15 -4.25 18.13
CA ALA B 50 23.83 -4.45 19.56
C ALA B 50 22.59 -5.30 19.75
N LYS B 51 21.58 -5.07 18.92
CA LYS B 51 20.34 -5.85 19.02
C LYS B 51 20.48 -7.24 18.40
N GLY B 52 21.49 -7.42 17.57
CA GLY B 52 21.73 -8.72 16.98
C GLY B 52 22.60 -9.62 17.86
N GLU B 53 23.23 -9.06 18.89
CA GLU B 53 24.12 -9.86 19.76
C GLU B 53 23.31 -10.83 20.62
N GLY B 54 23.88 -11.99 20.88
CA GLY B 54 23.20 -12.99 21.70
C GLY B 54 24.08 -14.19 21.88
N PHE B 55 23.47 -15.33 22.20
CA PHE B 55 24.21 -16.55 22.50
C PHE B 55 25.18 -16.90 21.37
N TRP B 56 24.73 -16.87 20.12
CA TRP B 56 25.61 -17.35 19.05
C TRP B 56 26.72 -16.35 18.72
N THR B 57 26.44 -15.04 18.79
CA THR B 57 27.51 -14.08 18.45
C THR B 57 28.61 -14.08 19.47
N THR B 58 28.28 -14.34 20.73
CA THR B 58 29.31 -14.33 21.77
C THR B 58 30.08 -15.64 21.79
N GLN B 59 29.43 -16.75 21.41
CA GLN B 59 30.08 -18.09 21.52
C GLN B 59 30.92 -18.43 20.26
N PHE B 60 30.64 -17.73 19.14
CA PHE B 60 31.27 -18.03 17.85
C PHE B 60 31.70 -16.75 17.16
N PRO B 61 33.02 -16.45 17.19
CA PRO B 61 33.46 -15.19 16.58
C PRO B 61 33.05 -14.99 15.13
N GLN B 62 32.93 -16.05 14.33
CA GLN B 62 32.44 -15.94 12.93
C GLN B 62 31.04 -15.30 12.88
N ILE B 63 30.21 -15.72 13.83
CA ILE B 63 28.83 -15.22 13.93
C ILE B 63 28.82 -13.78 14.43
N GLY B 64 29.71 -13.47 15.39
CA GLY B 64 29.86 -12.07 15.82
C GLY B 64 30.26 -11.18 14.64
N ASP B 65 31.18 -11.69 13.82
N ASP B 65 31.20 -11.68 13.82
CA ASP B 65 31.60 -10.97 12.62
CA ASP B 65 31.63 -10.98 12.61
C ASP B 65 30.45 -10.79 11.64
C ASP B 65 30.49 -10.82 11.60
N TRP B 66 29.69 -11.87 11.40
CA TRP B 66 28.55 -11.84 10.48
C TRP B 66 27.53 -10.76 10.93
N ASN B 67 27.27 -10.70 12.23
CA ASN B 67 26.40 -9.70 12.84
C ASN B 67 26.87 -8.27 12.52
N GLU B 68 28.15 -8.01 12.76
CA GLU B 68 28.72 -6.70 12.46
C GLU B 68 28.70 -6.38 10.95
N ASP B 69 29.05 -7.34 10.11
CA ASP B 69 29.06 -7.09 8.67
C ASP B 69 27.65 -6.80 8.15
N GLN B 70 26.67 -7.56 8.60
CA GLN B 70 25.29 -7.37 8.10
C GLN B 70 24.70 -6.08 8.64
N ALA B 71 25.10 -5.70 9.85
CA ALA B 71 24.60 -4.44 10.43
C ALA B 71 25.13 -3.27 9.60
N ALA B 72 26.39 -3.34 9.22
CA ALA B 72 27.00 -2.29 8.41
C ALA B 72 26.37 -2.21 7.02
N ALA B 73 26.14 -3.36 6.40
CA ALA B 73 25.47 -3.42 5.11
C ALA B 73 24.05 -2.83 5.17
N LEU B 74 23.32 -3.12 6.26
CA LEU B 74 21.96 -2.60 6.40
C LEU B 74 21.98 -1.09 6.68
N ALA B 75 22.95 -0.63 7.45
CA ALA B 75 23.09 0.82 7.70
C ALA B 75 23.39 1.58 6.41
N ASP B 76 24.19 0.96 5.54
CA ASP B 76 24.47 1.53 4.20
C ASP B 76 23.20 1.64 3.35
N ARG B 77 22.33 0.64 3.41
CA ARG B 77 21.07 0.72 2.67
C ARG B 77 20.22 1.87 3.21
N ALA B 78 20.20 2.02 4.54
CA ALA B 78 19.44 3.09 5.18
C ALA B 78 20.02 4.45 4.74
N GLN B 79 21.34 4.55 4.64
CA GLN B 79 21.95 5.78 4.13
C GLN B 79 21.49 6.08 2.71
N THR B 80 21.46 5.05 1.87
CA THR B 80 21.05 5.26 0.48
C THR B 80 19.62 5.81 0.44
N CYS B 81 18.78 5.30 1.34
CA CYS B 81 17.38 5.69 1.49
C CYS B 81 17.21 7.05 2.18
N GLY B 82 18.34 7.66 2.53
CA GLY B 82 18.36 8.99 3.14
C GLY B 82 17.91 9.00 4.59
N LEU B 83 18.02 7.83 5.24
CA LEU B 83 17.53 7.68 6.61
C LEU B 83 18.56 8.04 7.65
N VAL B 84 19.83 8.01 7.28
CA VAL B 84 20.91 8.37 8.18
C VAL B 84 21.95 9.22 7.46
N LYS B 85 22.76 9.94 8.24
CA LYS B 85 23.78 10.84 7.68
C LYS B 85 25.06 10.06 7.33
N ALA B 86 25.74 10.49 6.27
CA ALA B 86 27.09 10.01 5.97
C ALA B 86 28.03 10.29 7.14
N ASP B 87 28.93 9.35 7.44
CA ASP B 87 30.01 9.56 8.43
C ASP B 87 31.00 10.72 8.09
N SER C 14 9.32 -12.76 -14.61
CA SER C 14 10.03 -12.53 -13.32
C SER C 14 9.05 -12.41 -12.16
N PRO C 15 9.39 -13.04 -11.02
CA PRO C 15 8.53 -13.00 -9.83
C PRO C 15 8.31 -11.61 -9.23
N GLN C 16 9.13 -10.63 -9.63
CA GLN C 16 9.00 -9.26 -9.15
C GLN C 16 7.85 -8.50 -9.83
N TYR C 17 7.26 -9.12 -10.86
CA TYR C 17 6.10 -8.53 -11.52
C TYR C 17 4.83 -9.25 -11.04
N ASN C 18 4.69 -9.39 -9.73
CA ASN C 18 3.52 -10.02 -9.14
C ASN C 18 2.48 -8.92 -8.90
N TRP C 19 1.25 -9.32 -8.57
CA TRP C 19 0.15 -8.35 -8.47
C TRP C 19 0.37 -7.31 -7.38
N VAL C 20 1.13 -7.68 -6.33
CA VAL C 20 1.35 -6.75 -5.21
C VAL C 20 2.28 -5.65 -5.68
N ALA C 21 3.43 -6.04 -6.26
CA ALA C 21 4.38 -5.07 -6.79
C ALA C 21 3.75 -4.20 -7.89
N CYS C 22 3.03 -4.84 -8.80
CA CYS C 22 2.35 -4.13 -9.88
C CYS C 22 1.26 -3.17 -9.36
N GLY C 23 0.55 -3.60 -8.33
CA GLY C 23 -0.50 -2.77 -7.71
C GLY C 23 0.11 -1.55 -7.03
N ILE C 24 1.25 -1.74 -6.38
CA ILE C 24 1.95 -0.61 -5.77
C ILE C 24 2.39 0.39 -6.84
N LEU C 25 2.98 -0.12 -7.92
CA LEU C 25 3.36 0.73 -9.06
C LEU C 25 2.15 1.50 -9.61
N GLU C 26 1.04 0.81 -9.86
CA GLU C 26 -0.17 1.46 -10.37
C GLU C 26 -0.63 2.56 -9.39
N GLY C 27 -0.71 2.22 -8.10
CA GLY C 27 -1.14 3.21 -7.09
C GLY C 27 -0.24 4.44 -7.10
N GLY C 28 1.08 4.18 -7.11
CA GLY C 28 2.05 5.29 -7.02
C GLY C 28 1.95 6.18 -8.25
N LEU C 29 1.75 5.55 -9.42
CA LEU C 29 1.72 6.33 -10.66
C LEU C 29 0.43 7.15 -10.76
N LYS C 30 -0.65 6.63 -10.19
CA LYS C 30 -1.91 7.35 -10.13
C LYS C 30 -1.76 8.51 -9.16
N ALA C 31 -1.21 8.23 -7.98
CA ALA C 31 -1.05 9.28 -6.97
C ALA C 31 -0.14 10.39 -7.49
N ALA C 32 0.83 10.02 -8.32
CA ALA C 32 1.75 11.00 -8.84
C ALA C 32 1.14 11.81 -9.99
N GLY C 33 -0.04 11.40 -10.45
CA GLY C 33 -0.80 12.11 -11.50
C GLY C 33 -0.30 11.85 -12.91
N VAL C 34 0.39 10.73 -13.13
CA VAL C 34 0.94 10.44 -14.46
C VAL C 34 0.21 9.30 -15.20
N LEU C 35 -0.36 8.37 -14.45
CA LEU C 35 -1.10 7.26 -15.05
C LEU C 35 -2.58 7.56 -15.28
N GLU C 36 -3.05 7.25 -16.48
CA GLU C 36 -4.46 7.44 -16.89
C GLU C 36 -5.03 6.17 -17.46
N GLU C 37 -6.36 6.08 -17.50
CA GLU C 37 -7.07 4.97 -18.11
C GLU C 37 -6.86 4.98 -19.63
N GLY C 38 -6.49 3.83 -20.17
CA GLY C 38 -6.41 3.66 -21.63
C GLY C 38 -5.18 4.28 -22.27
N GLN C 39 -4.16 4.54 -21.45
CA GLN C 39 -2.88 5.11 -21.89
C GLN C 39 -2.01 4.10 -22.62
N TYR C 40 -1.28 4.58 -23.62
CA TYR C 40 -0.19 3.84 -24.23
C TYR C 40 1.12 4.11 -23.53
N ASN C 41 2.07 3.20 -23.74
CA ASN C 41 3.41 3.28 -23.15
C ASN C 41 4.02 4.69 -23.36
N ARG C 42 4.09 5.13 -24.62
CA ARG C 42 4.67 6.45 -24.92
C ARG C 42 4.00 7.60 -24.17
N GLU C 43 2.69 7.54 -24.04
CA GLU C 43 1.94 8.60 -23.32
C GLU C 43 2.36 8.66 -21.85
N LEU C 44 2.43 7.49 -21.21
CA LEU C 44 2.89 7.45 -19.83
C LEU C 44 4.35 7.95 -19.71
N ALA C 45 5.23 7.48 -20.59
CA ALA C 45 6.64 7.93 -20.56
C ALA C 45 6.69 9.48 -20.71
N GLU C 46 5.91 10.03 -21.63
CA GLU C 46 5.90 11.49 -21.81
C GLU C 46 5.38 12.20 -20.56
N ALA C 47 4.35 11.62 -19.93
CA ALA C 47 3.76 12.19 -18.70
C ALA C 47 4.78 12.23 -17.54
N ILE C 48 5.50 11.11 -17.38
CA ILE C 48 6.55 11.03 -16.37
C ILE C 48 7.68 12.03 -16.64
N ALA C 49 8.16 12.05 -17.89
CA ALA C 49 9.25 12.97 -18.22
C ALA C 49 8.84 14.42 -17.96
N ALA C 50 7.60 14.77 -18.29
CA ALA C 50 7.12 16.15 -18.08
C ALA C 50 7.17 16.52 -16.58
N LYS C 51 6.74 15.59 -15.74
CA LYS C 51 6.78 15.82 -14.29
C LYS C 51 8.18 15.74 -13.71
N GLY C 52 9.10 15.12 -14.45
CA GLY C 52 10.50 15.03 -14.03
C GLY C 52 11.32 16.25 -14.39
N GLU C 53 10.82 17.07 -15.31
CA GLU C 53 11.55 18.29 -15.74
C GLU C 53 11.63 19.32 -14.62
N GLY C 54 12.76 20.01 -14.55
CA GLY C 54 12.95 21.02 -13.53
C GLY C 54 14.27 21.69 -13.79
N PHE C 55 14.76 22.39 -12.77
CA PHE C 55 15.99 23.18 -12.92
C PHE C 55 17.12 22.33 -13.48
N TRP C 56 17.29 21.13 -12.98
CA TRP C 56 18.49 20.36 -13.35
C TRP C 56 18.38 19.79 -14.77
N THR C 57 17.17 19.40 -15.18
CA THR C 57 17.02 18.83 -16.52
C THR C 57 17.18 19.85 -17.62
N THR C 58 16.79 21.09 -17.35
CA THR C 58 16.96 22.18 -18.32
C THR C 58 18.38 22.76 -18.33
N GLN C 59 19.08 22.75 -17.19
CA GLN C 59 20.39 23.45 -17.11
C GLN C 59 21.55 22.50 -17.53
N PHE C 60 21.27 21.18 -17.57
CA PHE C 60 22.30 20.13 -17.83
C PHE C 60 21.69 19.14 -18.80
N PRO C 61 22.05 19.24 -20.08
CA PRO C 61 21.39 18.37 -21.07
C PRO C 61 21.49 16.89 -20.77
N GLN C 62 22.58 16.44 -20.15
N GLN C 62 22.59 16.46 -20.13
CA GLN C 62 22.67 15.03 -19.78
CA GLN C 62 22.74 15.04 -19.74
C GLN C 62 21.58 14.60 -18.80
C GLN C 62 21.67 14.58 -18.74
N ILE C 63 21.27 15.48 -17.86
CA ILE C 63 20.23 15.20 -16.86
C ILE C 63 18.87 15.21 -17.56
N GLY C 64 18.68 16.13 -18.52
CA GLY C 64 17.51 16.08 -19.39
C GLY C 64 17.39 14.71 -20.08
N ASP C 65 18.51 14.19 -20.57
CA ASP C 65 18.52 12.88 -21.22
CA ASP C 65 18.50 12.89 -21.23
C ASP C 65 18.19 11.78 -20.22
N TRP C 66 18.77 11.89 -19.02
CA TRP C 66 18.53 10.91 -17.93
C TRP C 66 17.03 10.85 -17.58
N ASN C 67 16.40 12.03 -17.49
CA ASN C 67 14.94 12.14 -17.24
C ASN C 67 14.14 11.38 -18.29
N GLU C 68 14.45 11.62 -19.57
CA GLU C 68 13.77 10.93 -20.64
C GLU C 68 14.03 9.43 -20.61
N ASP C 69 15.29 9.06 -20.40
CA ASP C 69 15.64 7.63 -20.35
C ASP C 69 14.92 6.85 -19.24
N GLN C 70 14.93 7.41 -18.03
CA GLN C 70 14.30 6.76 -16.86
C GLN C 70 12.79 6.77 -16.99
N ALA C 71 12.24 7.82 -17.60
CA ALA C 71 10.78 7.83 -17.81
C ALA C 71 10.37 6.71 -18.76
N ALA C 72 11.16 6.51 -19.81
CA ALA C 72 10.90 5.42 -20.74
C ALA C 72 11.02 4.05 -20.06
N ALA C 73 12.05 3.87 -19.24
CA ALA C 73 12.24 2.59 -18.54
C ALA C 73 11.09 2.30 -17.57
N LEU C 74 10.67 3.33 -16.85
CA LEU C 74 9.53 3.18 -15.93
C LEU C 74 8.22 2.87 -16.68
N ALA C 75 8.02 3.51 -17.83
CA ALA C 75 6.82 3.22 -18.60
C ALA C 75 6.85 1.79 -19.08
N ASP C 76 8.05 1.29 -19.39
CA ASP C 76 8.22 -0.12 -19.84
C ASP C 76 7.84 -1.07 -18.70
N ARG C 77 8.29 -0.77 -17.48
N ARG C 77 8.29 -0.76 -17.48
CA ARG C 77 7.89 -1.56 -16.31
CA ARG C 77 7.91 -1.54 -16.29
C ARG C 77 6.38 -1.55 -16.14
C ARG C 77 6.39 -1.53 -16.09
N ALA C 78 5.76 -0.37 -16.27
CA ALA C 78 4.28 -0.26 -16.21
C ALA C 78 3.60 -1.15 -17.25
N GLN C 79 4.14 -1.13 -18.47
CA GLN C 79 3.59 -2.02 -19.52
C GLN C 79 3.67 -3.50 -19.12
N THR C 80 4.82 -3.91 -18.58
CA THR C 80 5.01 -5.30 -18.16
C THR C 80 4.01 -5.66 -17.05
N CYS C 81 3.71 -4.67 -16.20
CA CYS C 81 2.70 -4.82 -15.16
C CYS C 81 1.25 -4.77 -15.65
N GLY C 82 1.07 -4.62 -16.96
CA GLY C 82 -0.26 -4.58 -17.58
C GLY C 82 -0.99 -3.24 -17.40
N LEU C 83 -0.24 -2.17 -17.07
CA LEU C 83 -0.85 -0.89 -16.71
C LEU C 83 -1.09 0.08 -17.87
N VAL C 84 -0.38 -0.15 -18.98
CA VAL C 84 -0.50 0.65 -20.18
C VAL C 84 -0.38 -0.26 -21.41
N LYS C 85 -0.87 0.24 -22.51
CA LYS C 85 -0.89 -0.53 -23.76
C LYS C 85 0.45 -0.45 -24.48
N ALA C 86 0.81 -1.54 -25.16
CA ALA C 86 1.97 -1.54 -26.07
C ALA C 86 1.76 -0.51 -27.18
N ASP C 87 2.83 0.21 -27.56
CA ASP C 87 2.77 1.16 -28.68
C ASP C 87 2.51 0.37 -29.97
N THR C 88 1.77 0.97 -30.90
CA THR C 88 1.54 0.38 -32.24
C THR C 88 1.88 1.41 -33.31
N TYR C 89 1.89 1.01 -34.59
CA TYR C 89 2.02 1.97 -35.68
C TYR C 89 0.87 2.98 -35.53
N LEU C 90 -0.32 2.47 -35.15
CA LEU C 90 -1.36 3.30 -34.53
C LEU C 90 -2.11 4.22 -35.48
N GLU D 12 -39.04 28.22 -18.61
CA GLU D 12 -38.63 29.65 -18.44
C GLU D 12 -37.12 29.84 -18.52
N LEU D 13 -36.70 30.84 -19.30
CA LEU D 13 -35.30 31.24 -19.45
C LEU D 13 -34.72 31.83 -18.17
N SER D 14 -33.63 31.24 -17.70
CA SER D 14 -32.94 31.73 -16.52
C SER D 14 -31.94 32.84 -16.87
N PRO D 15 -31.92 33.93 -16.06
CA PRO D 15 -30.92 34.99 -16.19
C PRO D 15 -29.49 34.46 -16.08
N GLN D 16 -29.34 33.21 -15.63
CA GLN D 16 -28.02 32.59 -15.56
C GLN D 16 -27.40 32.46 -16.94
N TYR D 17 -28.22 32.66 -17.99
CA TYR D 17 -27.75 32.40 -19.34
C TYR D 17 -28.01 33.56 -20.30
N ASN D 18 -28.26 34.75 -19.76
CA ASN D 18 -28.33 35.95 -20.59
C ASN D 18 -26.94 36.37 -21.08
N TRP D 19 -26.91 37.34 -21.98
CA TRP D 19 -25.68 37.72 -22.64
C TRP D 19 -24.64 38.23 -21.64
N VAL D 20 -25.11 38.87 -20.57
CA VAL D 20 -24.21 39.43 -19.51
C VAL D 20 -23.54 38.31 -18.75
N ALA D 21 -24.37 37.43 -18.20
CA ALA D 21 -23.92 36.26 -17.48
C ALA D 21 -22.96 35.41 -18.32
N CYS D 22 -23.30 35.18 -19.58
CA CYS D 22 -22.48 34.33 -20.46
C CYS D 22 -21.15 34.96 -20.87
N GLY D 23 -21.14 36.28 -21.04
CA GLY D 23 -19.91 37.00 -21.34
C GLY D 23 -18.93 36.94 -20.17
N ILE D 24 -19.46 37.00 -18.95
CA ILE D 24 -18.64 36.87 -17.74
C ILE D 24 -18.07 35.46 -17.66
N LEU D 25 -18.92 34.47 -17.92
CA LEU D 25 -18.48 33.07 -17.94
C LEU D 25 -17.35 32.88 -18.96
N GLU D 26 -17.57 33.36 -20.18
CA GLU D 26 -16.53 33.29 -21.19
C GLU D 26 -15.19 33.93 -20.75
N GLY D 27 -15.25 35.14 -20.19
CA GLY D 27 -14.04 35.81 -19.73
C GLY D 27 -13.33 35.00 -18.67
N GLY D 28 -14.10 34.49 -17.71
CA GLY D 28 -13.56 33.64 -16.63
C GLY D 28 -12.88 32.37 -17.12
N LEU D 29 -13.53 31.68 -18.06
CA LEU D 29 -12.96 30.44 -18.65
C LEU D 29 -11.71 30.71 -19.49
N LYS D 30 -11.70 31.86 -20.17
CA LYS D 30 -10.52 32.26 -20.90
C LYS D 30 -9.41 32.63 -19.95
N ALA D 31 -9.75 33.34 -18.89
CA ALA D 31 -8.76 33.73 -17.88
C ALA D 31 -8.12 32.51 -17.24
N ALA D 32 -8.92 31.48 -17.05
CA ALA D 32 -8.48 30.22 -16.44
C ALA D 32 -7.71 29.35 -17.44
N GLY D 33 -7.65 29.78 -18.69
CA GLY D 33 -6.92 29.06 -19.73
C GLY D 33 -7.50 27.73 -20.15
N VAL D 34 -8.83 27.56 -20.04
CA VAL D 34 -9.47 26.30 -20.41
C VAL D 34 -10.26 26.39 -21.72
N LEU D 35 -10.79 27.58 -22.01
CA LEU D 35 -11.64 27.75 -23.17
C LEU D 35 -10.81 28.21 -24.36
N GLU D 36 -11.06 27.61 -25.52
CA GLU D 36 -10.38 27.97 -26.77
C GLU D 36 -11.37 28.09 -27.93
N GLU D 37 -10.85 28.51 -29.09
CA GLU D 37 -11.63 28.65 -30.30
C GLU D 37 -12.05 27.30 -30.88
N GLY D 38 -13.31 27.20 -31.26
CA GLY D 38 -13.83 26.02 -31.95
C GLY D 38 -13.78 24.75 -31.13
N GLN D 39 -13.77 24.92 -29.81
CA GLN D 39 -13.75 23.80 -28.87
C GLN D 39 -15.11 23.14 -28.83
N TYR D 40 -15.09 21.81 -28.72
CA TYR D 40 -16.27 21.03 -28.41
C TYR D 40 -16.43 20.87 -26.90
N ASN D 41 -17.65 20.56 -26.50
CA ASN D 41 -18.02 20.38 -25.10
C ASN D 41 -17.03 19.46 -24.36
N ARG D 42 -16.73 18.28 -24.94
CA ARG D 42 -15.83 17.30 -24.31
C ARG D 42 -14.43 17.85 -24.09
N GLU D 43 -13.92 18.63 -25.05
CA GLU D 43 -12.58 19.22 -24.97
C GLU D 43 -12.49 20.24 -23.82
N LEU D 44 -13.55 21.02 -23.66
CA LEU D 44 -13.61 21.96 -22.55
C LEU D 44 -13.70 21.22 -21.21
N ALA D 45 -14.55 20.19 -21.14
CA ALA D 45 -14.68 19.40 -19.91
C ALA D 45 -13.32 18.80 -19.53
N GLU D 46 -12.59 18.24 -20.50
CA GLU D 46 -11.26 17.66 -20.22
C GLU D 46 -10.26 18.71 -19.74
N ALA D 47 -10.32 19.90 -20.35
CA ALA D 47 -9.40 20.98 -19.99
C ALA D 47 -9.65 21.48 -18.57
N ILE D 48 -10.92 21.62 -18.22
CA ILE D 48 -11.29 22.06 -16.85
C ILE D 48 -10.83 20.97 -15.87
N ALA D 49 -11.14 19.72 -16.19
CA ALA D 49 -10.74 18.62 -15.28
C ALA D 49 -9.22 18.59 -15.05
N ALA D 50 -8.44 18.82 -16.11
CA ALA D 50 -6.98 18.79 -16.01
C ALA D 50 -6.48 19.89 -15.06
N LYS D 51 -7.06 21.08 -15.17
CA LYS D 51 -6.73 22.22 -14.30
C LYS D 51 -7.27 22.00 -12.88
N GLY D 52 -8.27 21.15 -12.75
CA GLY D 52 -8.85 20.82 -11.44
C GLY D 52 -8.00 19.80 -10.66
N GLU D 53 -7.07 19.15 -11.34
CA GLU D 53 -6.25 18.09 -10.70
C GLU D 53 -5.24 18.67 -9.70
N GLY D 54 -5.08 17.99 -8.58
CA GLY D 54 -4.06 18.37 -7.59
C GLY D 54 -3.96 17.35 -6.49
N PHE D 55 -3.43 17.77 -5.34
CA PHE D 55 -3.20 16.87 -4.22
C PHE D 55 -4.41 15.97 -3.93
N TRP D 56 -5.60 16.56 -3.84
CA TRP D 56 -6.77 15.79 -3.39
C TRP D 56 -7.33 14.86 -4.48
N THR D 57 -7.34 15.33 -5.73
CA THR D 57 -7.92 14.49 -6.80
C THR D 57 -7.10 13.25 -7.11
N THR D 58 -5.78 13.32 -6.99
CA THR D 58 -4.98 12.15 -7.34
C THR D 58 -4.92 11.17 -6.18
N GLN D 59 -5.27 11.61 -4.98
CA GLN D 59 -5.12 10.70 -3.82
C GLN D 59 -6.40 10.18 -3.22
N PHE D 60 -7.52 10.74 -3.69
CA PHE D 60 -8.82 10.28 -3.27
C PHE D 60 -9.71 10.14 -4.50
N PRO D 61 -9.99 8.89 -4.92
CA PRO D 61 -10.90 8.68 -6.05
C PRO D 61 -12.26 9.41 -6.02
N GLN D 62 -12.88 9.58 -4.86
CA GLN D 62 -14.15 10.30 -4.78
C GLN D 62 -13.94 11.72 -5.29
N ILE D 63 -12.75 12.24 -4.99
CA ILE D 63 -12.48 13.63 -5.35
C ILE D 63 -12.10 13.74 -6.82
N GLY D 64 -11.33 12.78 -7.31
CA GLY D 64 -11.06 12.68 -8.76
C GLY D 64 -12.38 12.67 -9.52
N ASP D 65 -13.34 11.88 -9.00
CA ASP D 65 -14.66 11.73 -9.64
C ASP D 65 -15.44 13.05 -9.60
N TRP D 66 -15.43 13.71 -8.45
CA TRP D 66 -16.09 15.01 -8.27
C TRP D 66 -15.54 16.04 -9.28
N ASN D 67 -14.22 16.10 -9.38
CA ASN D 67 -13.56 16.97 -10.36
C ASN D 67 -14.11 16.74 -11.78
N GLU D 68 -14.15 15.48 -12.19
CA GLU D 68 -14.66 15.15 -13.53
C GLU D 68 -16.15 15.49 -13.70
N ASP D 69 -16.94 15.19 -12.68
CA ASP D 69 -18.39 15.50 -12.71
C ASP D 69 -18.64 17.00 -12.82
N GLN D 70 -17.96 17.77 -11.99
CA GLN D 70 -18.13 19.23 -12.02
C GLN D 70 -17.61 19.83 -13.32
N ALA D 71 -16.50 19.28 -13.83
CA ALA D 71 -15.97 19.73 -15.14
C ALA D 71 -16.99 19.54 -16.26
N ALA D 72 -17.67 18.39 -16.26
CA ALA D 72 -18.71 18.07 -17.23
C ALA D 72 -19.88 19.04 -17.14
N ALA D 73 -20.36 19.29 -15.92
CA ALA D 73 -21.49 20.21 -15.73
C ALA D 73 -21.12 21.64 -16.17
N LEU D 74 -19.91 22.08 -15.86
CA LEU D 74 -19.48 23.43 -16.26
C LEU D 74 -19.36 23.55 -17.77
N ALA D 75 -18.82 22.51 -18.42
CA ALA D 75 -18.74 22.53 -19.89
C ALA D 75 -20.13 22.63 -20.50
N ASP D 76 -21.11 21.93 -19.91
CA ASP D 76 -22.51 22.02 -20.35
C ASP D 76 -23.09 23.42 -20.23
N ARG D 77 -22.73 24.11 -19.14
N ARG D 77 -22.73 24.12 -19.15
CA ARG D 77 -23.17 25.49 -18.98
CA ARG D 77 -23.15 25.50 -18.97
C ARG D 77 -22.54 26.37 -20.07
C ARG D 77 -22.53 26.40 -20.05
N ALA D 78 -21.25 26.16 -20.34
CA ALA D 78 -20.56 26.87 -21.41
C ALA D 78 -21.24 26.65 -22.77
N GLN D 79 -21.61 25.41 -23.06
CA GLN D 79 -22.38 25.10 -24.29
C GLN D 79 -23.71 25.86 -24.35
N THR D 80 -24.41 25.91 -23.23
CA THR D 80 -25.67 26.67 -23.13
C THR D 80 -25.45 28.15 -23.38
N CYS D 81 -24.30 28.66 -22.95
CA CYS D 81 -23.89 30.05 -23.22
C CYS D 81 -23.33 30.28 -24.61
N GLY D 82 -23.42 29.25 -25.46
CA GLY D 82 -22.89 29.25 -26.83
C GLY D 82 -21.38 29.39 -26.96
N LEU D 83 -20.65 28.90 -25.95
CA LEU D 83 -19.20 29.04 -25.93
C LEU D 83 -18.44 27.85 -26.50
N VAL D 84 -19.08 26.69 -26.54
CA VAL D 84 -18.47 25.51 -27.17
C VAL D 84 -19.49 24.78 -28.04
N LYS D 85 -19.01 24.05 -29.02
CA LYS D 85 -19.85 23.26 -29.89
C LYS D 85 -20.32 21.98 -29.20
N ALA D 86 -21.54 21.56 -29.53
CA ALA D 86 -22.10 20.30 -29.04
C ALA D 86 -21.26 19.15 -29.53
N ASP D 87 -21.17 18.11 -28.70
CA ASP D 87 -20.52 16.86 -29.09
C ASP D 87 -21.32 16.16 -30.19
N SER E 14 -7.03 5.53 18.34
CA SER E 14 -5.69 5.22 18.92
C SER E 14 -4.95 4.09 18.15
N PRO E 15 -5.59 2.90 17.98
CA PRO E 15 -4.90 1.81 17.25
C PRO E 15 -4.65 2.05 15.75
N GLN E 16 -5.38 3.02 15.17
CA GLN E 16 -5.18 3.51 13.79
C GLN E 16 -3.85 4.27 13.61
N TYR E 17 -3.22 4.61 14.72
CA TYR E 17 -1.98 5.36 14.69
C TYR E 17 -0.78 4.46 15.04
N ASN E 18 -0.75 3.27 14.47
CA ASN E 18 0.38 2.36 14.61
C ASN E 18 1.47 2.72 13.58
N TRP E 19 2.63 2.09 13.73
CA TRP E 19 3.79 2.50 12.91
C TRP E 19 3.59 2.21 11.44
N VAL E 20 2.76 1.22 11.13
CA VAL E 20 2.52 0.88 9.71
C VAL E 20 1.65 1.96 9.09
N ALA E 21 0.51 2.27 9.72
CA ALA E 21 -0.34 3.35 9.23
C ALA E 21 0.42 4.69 9.11
N CYS E 22 1.16 5.04 10.16
CA CYS E 22 1.92 6.29 10.21
C CYS E 22 3.04 6.31 9.16
N GLY E 23 3.67 5.15 8.93
CA GLY E 23 4.69 5.00 7.88
C GLY E 23 4.12 5.20 6.49
N ILE E 24 2.93 4.63 6.24
CA ILE E 24 2.25 4.86 4.97
C ILE E 24 1.97 6.36 4.77
N LEU E 25 1.41 7.02 5.80
CA LEU E 25 1.18 8.46 5.74
C LEU E 25 2.48 9.25 5.48
N GLU E 26 3.53 8.94 6.24
CA GLU E 26 4.81 9.60 6.02
C GLU E 26 5.28 9.43 4.58
N GLY E 27 5.26 8.20 4.07
CA GLY E 27 5.76 7.95 2.70
C GLY E 27 4.91 8.67 1.67
N GLY E 28 3.59 8.62 1.83
CA GLY E 28 2.69 9.30 0.89
C GLY E 28 2.92 10.82 0.86
N LEU E 29 3.14 11.41 2.04
CA LEU E 29 3.32 12.87 2.15
C LEU E 29 4.67 13.27 1.55
N LYS E 30 5.66 12.40 1.66
CA LYS E 30 6.95 12.66 1.03
C LYS E 30 6.79 12.54 -0.50
N ALA E 31 6.10 11.49 -0.94
CA ALA E 31 5.90 11.27 -2.38
C ALA E 31 5.09 12.39 -3.02
N ALA E 32 4.21 13.00 -2.25
CA ALA E 32 3.39 14.13 -2.69
C ALA E 32 4.19 15.44 -2.66
N GLY E 33 5.38 15.39 -2.06
CA GLY E 33 6.30 16.54 -2.04
C GLY E 33 5.89 17.61 -1.04
N VAL E 34 5.19 17.21 0.02
CA VAL E 34 4.70 18.18 1.01
C VAL E 34 5.39 18.11 2.37
N LEU E 35 5.87 16.92 2.74
CA LEU E 35 6.49 16.69 4.04
C LEU E 35 7.99 16.96 3.98
N GLU E 36 8.50 17.65 4.99
CA GLU E 36 9.92 18.03 5.11
C GLU E 36 10.46 17.72 6.47
N GLU E 37 11.78 17.58 6.56
CA GLU E 37 12.46 17.41 7.84
C GLU E 37 12.26 18.63 8.74
N GLY E 38 11.88 18.40 10.00
CA GLY E 38 11.82 19.48 11.00
C GLY E 38 10.71 20.47 10.78
N GLN E 39 9.65 20.01 10.13
CA GLN E 39 8.49 20.80 9.80
C GLN E 39 7.54 20.92 10.97
N TYR E 40 6.94 22.11 11.11
CA TYR E 40 5.84 22.31 12.05
C TYR E 40 4.49 21.99 11.39
N ASN E 41 3.49 21.73 12.23
CA ASN E 41 2.15 21.39 11.78
C ASN E 41 1.66 22.42 10.77
N ARG E 42 1.78 23.70 11.12
CA ARG E 42 1.25 24.76 10.25
C ARG E 42 1.92 24.73 8.88
N GLU E 43 3.21 24.41 8.87
CA GLU E 43 3.98 24.42 7.62
C GLU E 43 3.56 23.28 6.71
N LEU E 44 3.31 22.12 7.30
CA LEU E 44 2.78 21.00 6.52
C LEU E 44 1.40 21.34 5.96
N ALA E 45 0.55 21.95 6.80
CA ALA E 45 -0.80 22.26 6.36
C ALA E 45 -0.75 23.23 5.17
N GLU E 46 0.13 24.23 5.24
CA GLU E 46 0.25 25.21 4.12
C GLU E 46 0.78 24.55 2.85
N ALA E 47 1.71 23.61 3.00
CA ALA E 47 2.25 22.92 1.83
C ALA E 47 1.19 22.04 1.19
N ILE E 48 0.39 21.34 2.00
CA ILE E 48 -0.69 20.51 1.48
C ILE E 48 -1.71 21.43 0.72
N ALA E 49 -2.13 22.50 1.38
CA ALA E 49 -3.09 23.44 0.76
C ALA E 49 -2.57 23.97 -0.57
N ALA E 50 -1.28 24.27 -0.64
CA ALA E 50 -0.70 24.80 -1.88
C ALA E 50 -0.83 23.78 -3.01
N LYS E 51 -0.52 22.52 -2.73
CA LYS E 51 -0.65 21.45 -3.71
C LYS E 51 -2.12 21.12 -4.01
N GLY E 52 -3.02 21.45 -3.10
CA GLY E 52 -4.44 21.20 -3.31
C GLY E 52 -5.13 22.26 -4.14
N GLU E 53 -4.45 23.38 -4.38
CA GLU E 53 -5.03 24.47 -5.18
C GLU E 53 -5.16 24.04 -6.64
N GLY E 54 -6.21 24.54 -7.29
CA GLY E 54 -6.38 24.26 -8.73
C GLY E 54 -7.61 25.00 -9.19
N PHE E 55 -8.15 24.58 -10.33
CA PHE E 55 -9.28 25.29 -10.92
C PHE E 55 -10.41 25.56 -9.90
N TRP E 56 -10.81 24.54 -9.15
CA TRP E 56 -12.01 24.68 -8.31
C TRP E 56 -11.77 25.55 -7.10
N THR E 57 -10.58 25.46 -6.50
CA THR E 57 -10.28 26.32 -5.32
C THR E 57 -10.24 27.77 -5.68
N THR E 58 -9.73 28.08 -6.86
CA THR E 58 -9.64 29.46 -7.29
C THR E 58 -11.07 30.02 -7.48
N GLN E 59 -11.91 29.23 -8.17
CA GLN E 59 -13.23 29.68 -8.63
C GLN E 59 -14.30 29.80 -7.54
N PHE E 60 -14.24 28.93 -6.52
CA PHE E 60 -15.30 28.89 -5.46
C PHE E 60 -14.67 28.98 -4.08
N PRO E 61 -14.98 30.05 -3.33
CA PRO E 61 -14.50 30.23 -1.97
C PRO E 61 -14.74 29.03 -1.03
N GLN E 62 -15.90 28.40 -1.13
N GLN E 62 -15.90 28.38 -1.15
CA GLN E 62 -16.19 27.22 -0.29
CA GLN E 62 -16.21 27.20 -0.31
C GLN E 62 -15.15 26.12 -0.52
C GLN E 62 -15.26 26.02 -0.55
N ILE E 63 -14.75 25.94 -1.78
CA ILE E 63 -13.80 24.89 -2.16
C ILE E 63 -12.38 25.27 -1.69
N GLY E 64 -12.00 26.54 -1.86
CA GLY E 64 -10.78 27.03 -1.22
C GLY E 64 -10.73 26.75 0.29
N ASP E 65 -11.85 27.00 0.98
CA ASP E 65 -11.98 26.75 2.41
CA ASP E 65 -11.97 26.75 2.41
C ASP E 65 -11.87 25.26 2.74
N TRP E 66 -12.57 24.44 1.96
CA TRP E 66 -12.51 22.97 2.10
C TRP E 66 -11.04 22.50 1.97
N ASN E 67 -10.36 22.96 0.93
CA ASN E 67 -8.92 22.66 0.76
C ASN E 67 -8.12 22.96 2.03
N GLU E 68 -8.25 24.18 2.55
CA GLU E 68 -7.53 24.59 3.75
C GLU E 68 -7.95 23.78 4.97
N ASP E 69 -9.23 23.46 5.09
CA ASP E 69 -9.73 22.66 6.23
C ASP E 69 -9.18 21.23 6.21
N GLN E 70 -9.20 20.61 5.03
CA GLN E 70 -8.69 19.24 4.89
C GLN E 70 -7.17 19.20 5.07
N ALA E 71 -6.49 20.23 4.57
CA ALA E 71 -5.03 20.33 4.74
C ALA E 71 -4.69 20.39 6.24
N ALA E 72 -5.45 21.18 6.98
CA ALA E 72 -5.24 21.28 8.44
C ALA E 72 -5.50 19.95 9.17
N ALA E 73 -6.57 19.27 8.80
CA ALA E 73 -6.93 17.97 9.38
C ALA E 73 -5.86 16.93 9.11
N LEU E 74 -5.36 16.89 7.87
CA LEU E 74 -4.33 15.94 7.50
C LEU E 74 -3.01 16.24 8.22
N ALA E 75 -2.67 17.53 8.35
CA ALA E 75 -1.46 17.91 9.11
C ALA E 75 -1.59 17.53 10.59
N ASP E 76 -2.80 17.64 11.13
CA ASP E 76 -3.05 17.15 12.51
C ASP E 76 -2.79 15.64 12.66
N ARG E 77 -3.24 14.87 11.67
N ARG E 77 -3.23 14.86 11.68
CA ARG E 77 -3.02 13.42 11.65
CA ARG E 77 -3.01 13.42 11.71
C ARG E 77 -1.52 13.13 11.60
C ARG E 77 -1.52 13.13 11.61
N ALA E 78 -0.80 13.88 10.77
CA ALA E 78 0.66 13.77 10.67
C ALA E 78 1.33 14.06 12.01
N GLN E 79 0.86 15.08 12.70
CA GLN E 79 1.38 15.39 14.04
C GLN E 79 1.14 14.25 15.02
N THR E 80 -0.06 13.66 15.00
CA THR E 80 -0.36 12.53 15.89
C THR E 80 0.56 11.34 15.58
N CYS E 81 0.91 11.19 14.31
CA CYS E 81 1.87 10.17 13.87
C CYS E 81 3.34 10.51 14.14
N GLY E 82 3.58 11.66 14.78
CA GLY E 82 4.93 12.13 15.10
C GLY E 82 5.75 12.60 13.91
N LEU E 83 5.07 13.05 12.84
CA LEU E 83 5.78 13.43 11.61
C LEU E 83 6.14 14.90 11.50
N VAL E 84 5.39 15.74 12.23
CA VAL E 84 5.66 17.18 12.28
C VAL E 84 5.58 17.65 13.73
N LYS E 85 6.18 18.80 14.00
CA LYS E 85 6.24 19.37 15.34
C LYS E 85 4.93 20.11 15.68
N ALA E 86 4.53 20.03 16.95
CA ALA E 86 3.41 20.82 17.48
C ALA E 86 3.66 22.30 17.24
N ASP E 87 2.61 23.02 16.85
CA ASP E 87 2.74 24.45 16.63
C ASP E 87 3.32 25.14 17.85
N THR E 88 4.49 25.69 17.60
CA THR E 88 5.11 26.78 18.28
C THR E 88 5.37 27.70 17.08
N TYR E 89 5.69 28.94 17.39
CA TYR E 89 5.61 30.05 16.45
C TYR E 89 6.39 29.87 15.15
N GLU F 12 24.39 -8.42 2.88
CA GLU F 12 24.42 -9.65 2.02
C GLU F 12 23.15 -10.47 2.16
N LEU F 13 22.44 -10.30 3.28
CA LEU F 13 21.10 -10.87 3.44
C LEU F 13 20.17 -10.30 2.39
N SER F 14 19.43 -11.19 1.74
CA SER F 14 18.51 -10.82 0.69
C SER F 14 17.19 -10.35 1.32
N PRO F 15 16.82 -9.07 1.08
CA PRO F 15 15.51 -8.54 1.50
C PRO F 15 14.36 -9.37 0.91
N GLN F 16 14.69 -10.22 -0.06
CA GLN F 16 13.72 -11.18 -0.56
C GLN F 16 13.13 -12.03 0.56
N TYR F 17 13.90 -12.30 1.62
CA TYR F 17 13.36 -13.17 2.67
C TYR F 17 13.23 -12.52 4.06
N ASN F 18 13.10 -11.20 4.09
CA ASN F 18 12.80 -10.51 5.33
C ASN F 18 11.32 -10.70 5.67
N TRP F 19 10.92 -10.31 6.88
CA TRP F 19 9.54 -10.59 7.35
C TRP F 19 8.47 -9.89 6.49
N VAL F 20 8.84 -8.77 5.86
CA VAL F 20 7.90 -8.04 4.98
C VAL F 20 7.65 -8.84 3.73
N ALA F 21 8.71 -9.23 3.02
CA ALA F 21 8.57 -10.06 1.83
C ALA F 21 7.85 -11.38 2.17
N CYS F 22 8.26 -12.02 3.26
CA CYS F 22 7.63 -13.25 3.70
C CYS F 22 6.20 -13.07 4.14
N GLY F 23 5.90 -11.91 4.72
CA GLY F 23 4.51 -11.59 5.15
C GLY F 23 3.56 -11.36 3.98
N ILE F 24 4.05 -10.66 2.94
CA ILE F 24 3.31 -10.48 1.71
C ILE F 24 3.03 -11.85 1.05
N LEU F 25 4.05 -12.70 1.00
CA LEU F 25 3.87 -14.05 0.46
C LEU F 25 2.83 -14.84 1.27
N GLU F 26 2.94 -14.78 2.60
CA GLU F 26 2.01 -15.55 3.42
C GLU F 26 0.57 -15.03 3.21
N GLY F 27 0.39 -13.71 3.23
CA GLY F 27 -0.94 -13.15 3.01
C GLY F 27 -1.49 -13.54 1.65
N GLY F 28 -0.65 -13.42 0.62
CA GLY F 28 -1.10 -13.74 -0.75
C GLY F 28 -1.50 -15.21 -0.88
N LEU F 29 -0.71 -16.11 -0.28
CA LEU F 29 -0.99 -17.56 -0.35
C LEU F 29 -2.26 -17.90 0.44
N LYS F 30 -2.49 -17.19 1.54
CA LYS F 30 -3.74 -17.36 2.30
C LYS F 30 -4.91 -16.90 1.46
N ALA F 31 -4.78 -15.71 0.87
CA ALA F 31 -5.90 -15.13 0.10
C ALA F 31 -6.20 -15.94 -1.15
N ALA F 32 -5.19 -16.61 -1.70
CA ALA F 32 -5.36 -17.46 -2.88
C ALA F 32 -5.98 -18.81 -2.51
N GLY F 33 -6.12 -19.07 -1.21
CA GLY F 33 -6.72 -20.29 -0.66
C GLY F 33 -5.84 -21.51 -0.81
N VAL F 34 -4.51 -21.32 -0.84
CA VAL F 34 -3.60 -22.47 -1.01
C VAL F 34 -2.80 -22.80 0.24
N LEU F 35 -2.60 -21.80 1.12
CA LEU F 35 -1.83 -22.01 2.34
C LEU F 35 -2.71 -22.26 3.56
N GLU F 36 -2.34 -23.30 4.32
CA GLU F 36 -3.05 -23.77 5.53
C GLU F 36 -2.09 -24.14 6.64
N GLU F 37 -2.66 -24.36 7.82
CA GLU F 37 -1.94 -24.62 9.06
C GLU F 37 -1.37 -26.04 9.08
N GLY F 38 -0.11 -26.18 9.49
CA GLY F 38 0.50 -27.49 9.65
C GLY F 38 0.79 -28.15 8.32
N GLN F 39 0.78 -27.34 7.26
CA GLN F 39 1.07 -27.81 5.93
C GLN F 39 2.52 -28.19 5.74
N TYR F 40 2.73 -29.26 5.00
CA TYR F 40 4.04 -29.64 4.52
C TYR F 40 4.26 -28.97 3.18
N ASN F 41 5.53 -28.73 2.87
CA ASN F 41 5.95 -28.18 1.59
C ASN F 41 5.17 -28.84 0.42
N ARG F 42 5.22 -30.18 0.34
CA ARG F 42 4.56 -30.89 -0.76
C ARG F 42 3.07 -30.57 -0.89
N GLU F 43 2.40 -30.43 0.25
CA GLU F 43 0.97 -30.13 0.26
C GLU F 43 0.69 -28.77 -0.35
N LEU F 44 1.49 -27.78 0.04
CA LEU F 44 1.36 -26.45 -0.51
C LEU F 44 1.61 -26.48 -2.03
N ALA F 45 2.68 -27.15 -2.46
CA ALA F 45 3.01 -27.27 -3.87
C ALA F 45 1.83 -27.89 -4.64
N GLU F 46 1.21 -28.94 -4.10
CA GLU F 46 0.06 -29.56 -4.74
C GLU F 46 -1.14 -28.63 -4.83
N ALA F 47 -1.35 -27.85 -3.77
CA ALA F 47 -2.48 -26.93 -3.73
C ALA F 47 -2.31 -25.82 -4.74
N ILE F 48 -1.10 -25.26 -4.85
CA ILE F 48 -0.80 -24.23 -5.86
C ILE F 48 -0.99 -24.78 -7.27
N ALA F 49 -0.42 -25.96 -7.51
CA ALA F 49 -0.55 -26.59 -8.84
C ALA F 49 -2.01 -26.82 -9.21
N ALA F 50 -2.83 -27.26 -8.27
CA ALA F 50 -4.24 -27.52 -8.54
C ALA F 50 -4.95 -26.23 -8.96
N LYS F 51 -4.65 -25.13 -8.28
CA LYS F 51 -5.29 -23.84 -8.62
C LYS F 51 -4.68 -23.23 -9.89
N GLY F 52 -3.51 -23.72 -10.26
CA GLY F 52 -2.84 -23.24 -11.46
C GLY F 52 -3.32 -23.97 -12.72
N GLU F 53 -4.02 -25.08 -12.55
CA GLU F 53 -4.53 -25.82 -13.71
C GLU F 53 -5.59 -25.00 -14.43
N GLY F 54 -5.67 -25.20 -15.75
CA GLY F 54 -6.72 -24.53 -16.53
C GLY F 54 -6.54 -24.94 -17.97
N PHE F 55 -7.15 -24.18 -18.87
CA PHE F 55 -7.14 -24.52 -20.28
C PHE F 55 -5.75 -24.91 -20.79
N TRP F 56 -4.75 -24.07 -20.49
CA TRP F 56 -3.43 -24.27 -21.10
C TRP F 56 -2.66 -25.46 -20.53
N THR F 57 -2.77 -25.70 -19.21
CA THR F 57 -2.16 -26.90 -18.62
C THR F 57 -2.79 -28.19 -19.12
N THR F 58 -4.07 -28.16 -19.46
CA THR F 58 -4.67 -29.37 -19.93
C THR F 58 -4.10 -29.66 -21.35
N GLN F 59 -3.97 -28.61 -22.16
CA GLN F 59 -3.72 -28.76 -23.59
C GLN F 59 -2.26 -29.03 -23.95
N PHE F 60 -1.32 -28.52 -23.14
CA PHE F 60 0.12 -28.61 -23.47
C PHE F 60 0.93 -29.14 -22.30
N PRO F 61 1.54 -30.31 -22.47
CA PRO F 61 2.40 -30.90 -21.45
C PRO F 61 3.45 -29.93 -20.91
N GLN F 62 4.07 -29.13 -21.79
CA GLN F 62 5.07 -28.15 -21.35
C GLN F 62 4.53 -27.20 -20.30
N ILE F 63 3.27 -26.81 -20.48
CA ILE F 63 2.61 -25.85 -19.59
C ILE F 63 2.17 -26.53 -18.31
N GLY F 64 1.63 -27.75 -18.41
CA GLY F 64 1.40 -28.57 -17.20
C GLY F 64 2.65 -28.70 -16.32
N ASP F 65 3.79 -28.94 -16.98
N ASP F 65 3.79 -28.95 -16.98
CA ASP F 65 5.06 -29.09 -16.26
CA ASP F 65 5.07 -29.09 -16.30
C ASP F 65 5.56 -27.77 -15.68
C ASP F 65 5.53 -27.77 -15.67
N TRP F 66 5.41 -26.68 -16.43
CA TRP F 66 5.70 -25.34 -15.94
C TRP F 66 4.88 -25.05 -14.66
N ASN F 67 3.59 -25.39 -14.69
CA ASN F 67 2.69 -25.23 -13.52
C ASN F 67 3.25 -25.95 -12.28
N GLU F 68 3.58 -27.23 -12.43
CA GLU F 68 4.09 -28.03 -11.32
C GLU F 68 5.46 -27.53 -10.84
N ASP F 69 6.34 -27.19 -11.77
CA ASP F 69 7.68 -26.69 -11.42
C ASP F 69 7.62 -25.40 -10.61
N GLN F 70 6.78 -24.46 -11.06
CA GLN F 70 6.68 -23.16 -10.41
C GLN F 70 5.94 -23.26 -9.10
N ALA F 71 4.99 -24.19 -9.02
CA ALA F 71 4.30 -24.46 -7.74
C ALA F 71 5.32 -25.00 -6.72
N ALA F 72 6.18 -25.90 -7.17
CA ALA F 72 7.22 -26.47 -6.31
C ALA F 72 8.21 -25.38 -5.83
N ALA F 73 8.61 -24.49 -6.75
CA ALA F 73 9.53 -23.39 -6.41
C ALA F 73 8.90 -22.41 -5.42
N LEU F 74 7.63 -22.12 -5.64
CA LEU F 74 6.92 -21.23 -4.75
C LEU F 74 6.75 -21.84 -3.36
N ALA F 75 6.47 -23.13 -3.30
CA ALA F 75 6.34 -23.81 -2.02
C ALA F 75 7.67 -23.80 -1.25
N ASP F 76 8.77 -23.91 -2.00
CA ASP F 76 10.12 -23.83 -1.42
C ASP F 76 10.37 -22.43 -0.85
N ARG F 77 9.96 -21.39 -1.58
CA ARG F 77 10.07 -20.02 -1.06
C ARG F 77 9.28 -19.88 0.24
N ALA F 78 8.10 -20.48 0.30
CA ALA F 78 7.27 -20.42 1.49
C ALA F 78 7.96 -21.14 2.65
N GLN F 79 8.62 -22.25 2.36
CA GLN F 79 9.33 -22.99 3.41
C GLN F 79 10.47 -22.15 3.95
N THR F 80 11.19 -21.49 3.06
CA THR F 80 12.29 -20.59 3.48
C THR F 80 11.75 -19.51 4.40
N CYS F 81 10.56 -19.01 4.07
CA CYS F 81 9.87 -18.00 4.86
C CYS F 81 9.23 -18.54 6.15
N GLY F 82 9.38 -19.84 6.40
CA GLY F 82 8.89 -20.49 7.63
C GLY F 82 7.39 -20.72 7.67
N LEU F 83 6.78 -20.80 6.47
CA LEU F 83 5.33 -20.91 6.34
C LEU F 83 4.79 -22.33 6.23
N VAL F 84 5.67 -23.25 5.82
CA VAL F 84 5.32 -24.69 5.72
C VAL F 84 6.45 -25.56 6.27
N LYS F 85 6.11 -26.79 6.65
CA LYS F 85 7.08 -27.75 7.19
C LYS F 85 7.87 -28.44 6.07
N ALA F 86 9.14 -28.72 6.36
CA ALA F 86 10.00 -29.47 5.45
C ALA F 86 9.41 -30.87 5.22
N ASP F 87 9.58 -31.39 4.01
CA ASP F 87 9.15 -32.75 3.71
C ASP F 87 10.01 -33.74 4.49
N LEU G 13 -0.24 -23.90 -48.67
CA LEU G 13 -1.24 -24.36 -47.66
C LEU G 13 -0.62 -25.28 -46.64
N SER G 14 -0.93 -25.01 -45.37
CA SER G 14 -0.43 -25.79 -44.27
C SER G 14 -1.40 -26.93 -43.93
N PRO G 15 -0.88 -28.18 -43.82
CA PRO G 15 -1.64 -29.34 -43.34
C PRO G 15 -2.15 -29.17 -41.90
N GLN G 16 -1.63 -28.18 -41.20
CA GLN G 16 -2.15 -27.82 -39.89
C GLN G 16 -3.60 -27.33 -40.06
N TYR G 17 -4.04 -27.15 -41.30
CA TYR G 17 -5.37 -26.60 -41.54
C TYR G 17 -6.22 -27.41 -42.52
N ASN G 18 -5.81 -28.66 -42.78
CA ASN G 18 -6.63 -29.58 -43.53
C ASN G 18 -7.86 -30.03 -42.74
N TRP G 19 -8.73 -30.78 -43.40
CA TRP G 19 -10.00 -31.12 -42.82
C TRP G 19 -9.81 -31.99 -41.56
N VAL G 20 -8.76 -32.81 -41.56
CA VAL G 20 -8.44 -33.69 -40.40
C VAL G 20 -8.03 -32.89 -39.18
N ALA G 21 -6.97 -32.10 -39.35
CA ALA G 21 -6.45 -31.21 -38.33
C ALA G 21 -7.57 -30.34 -37.74
N CYS G 22 -8.39 -29.73 -38.61
CA CYS G 22 -9.48 -28.86 -38.18
C CYS G 22 -10.59 -29.56 -37.42
N GLY G 23 -10.87 -30.81 -37.79
CA GLY G 23 -11.85 -31.64 -37.08
C GLY G 23 -11.42 -31.94 -35.66
N ILE G 24 -10.15 -32.27 -35.51
CA ILE G 24 -9.60 -32.57 -34.19
C ILE G 24 -9.62 -31.28 -33.35
N LEU G 25 -9.27 -30.16 -33.98
CA LEU G 25 -9.28 -28.88 -33.28
C LEU G 25 -10.71 -28.56 -32.80
N GLU G 26 -11.69 -28.79 -33.67
CA GLU G 26 -13.05 -28.56 -33.27
C GLU G 26 -13.47 -29.44 -32.09
N GLY G 27 -13.18 -30.74 -32.18
CA GLY G 27 -13.46 -31.70 -31.11
C GLY G 27 -12.86 -31.25 -29.79
N GLY G 28 -11.62 -30.78 -29.85
CA GLY G 28 -10.89 -30.37 -28.64
C GLY G 28 -11.50 -29.13 -28.00
N LEU G 29 -11.85 -28.15 -28.82
CA LEU G 29 -12.45 -26.91 -28.32
C LEU G 29 -13.87 -27.14 -27.75
N LYS G 30 -14.65 -28.01 -28.41
CA LYS G 30 -15.92 -28.46 -27.83
C LYS G 30 -15.72 -29.21 -26.52
N ALA G 31 -14.72 -30.09 -26.47
CA ALA G 31 -14.43 -30.84 -25.25
C ALA G 31 -14.07 -29.93 -24.09
N ALA G 32 -13.36 -28.85 -24.40
CA ALA G 32 -12.94 -27.86 -23.40
C ALA G 32 -14.07 -26.88 -23.05
N GLY G 33 -15.19 -26.99 -23.75
CA GLY G 33 -16.38 -26.19 -23.49
C GLY G 33 -16.24 -24.74 -23.88
N VAL G 34 -15.39 -24.45 -24.86
CA VAL G 34 -15.16 -23.04 -25.27
C VAL G 34 -15.79 -22.66 -26.61
N LEU G 35 -15.98 -23.67 -27.46
CA LEU G 35 -16.52 -23.43 -28.79
C LEU G 35 -18.02 -23.61 -28.81
N GLU G 36 -18.72 -22.61 -29.34
CA GLU G 36 -20.19 -22.63 -29.38
C GLU G 36 -20.69 -22.43 -30.81
N GLU G 37 -21.94 -22.82 -31.02
CA GLU G 37 -22.63 -22.60 -32.28
C GLU G 37 -22.69 -21.10 -32.58
N GLY G 38 -22.43 -20.72 -33.83
CA GLY G 38 -22.56 -19.32 -34.27
C GLY G 38 -21.70 -18.29 -33.55
N GLN G 39 -20.50 -18.69 -33.16
CA GLN G 39 -19.59 -17.85 -32.40
C GLN G 39 -18.75 -16.95 -33.28
N TYR G 40 -18.47 -15.74 -32.80
CA TYR G 40 -17.46 -14.91 -33.43
C TYR G 40 -16.06 -15.18 -32.88
N ASN G 41 -15.05 -14.83 -33.67
CA ASN G 41 -13.66 -14.96 -33.28
C ASN G 41 -13.44 -14.42 -31.85
N ARG G 42 -13.88 -13.17 -31.59
CA ARG G 42 -13.70 -12.52 -30.27
C ARG G 42 -14.35 -13.32 -29.12
N GLU G 43 -15.54 -13.85 -29.35
CA GLU G 43 -16.27 -14.59 -28.32
C GLU G 43 -15.49 -15.85 -27.91
N LEU G 44 -14.93 -16.52 -28.91
CA LEU G 44 -14.10 -17.71 -28.69
C LEU G 44 -12.81 -17.36 -27.95
N ALA G 45 -12.14 -16.30 -28.37
CA ALA G 45 -10.92 -15.86 -27.69
C ALA G 45 -11.22 -15.57 -26.22
N GLU G 46 -12.34 -14.91 -25.96
CA GLU G 46 -12.73 -14.57 -24.58
C GLU G 46 -13.06 -15.81 -23.76
N ALA G 47 -13.72 -16.80 -24.36
CA ALA G 47 -14.05 -18.03 -23.66
C ALA G 47 -12.80 -18.84 -23.29
N ILE G 48 -11.85 -18.90 -24.23
CA ILE G 48 -10.57 -19.60 -24.02
C ILE G 48 -9.79 -18.90 -22.90
N ALA G 49 -9.72 -17.58 -22.97
CA ALA G 49 -9.00 -16.83 -21.94
C ALA G 49 -9.62 -17.05 -20.56
N ALA G 50 -10.96 -17.07 -20.49
CA ALA G 50 -11.65 -17.30 -19.22
C ALA G 50 -11.31 -18.68 -18.62
N LYS G 51 -11.25 -19.71 -19.48
CA LYS G 51 -10.89 -21.07 -19.04
C LYS G 51 -9.39 -21.18 -18.71
N GLY G 52 -8.60 -20.27 -19.29
CA GLY G 52 -7.17 -20.19 -19.02
C GLY G 52 -6.80 -19.52 -17.70
N GLU G 53 -7.73 -18.79 -17.10
CA GLU G 53 -7.45 -18.07 -15.87
C GLU G 53 -7.26 -19.01 -14.71
N GLY G 54 -6.35 -18.65 -13.81
CA GLY G 54 -6.13 -19.43 -12.61
C GLY G 54 -5.12 -18.74 -11.75
N PHE G 55 -4.51 -19.51 -10.86
CA PHE G 55 -3.57 -18.96 -9.88
C PHE G 55 -2.54 -18.08 -10.55
N TRP G 56 -1.93 -18.57 -11.63
CA TRP G 56 -0.79 -17.81 -12.19
C TRP G 56 -1.23 -16.56 -12.93
N THR G 57 -2.36 -16.62 -13.65
CA THR G 57 -2.80 -15.44 -14.42
C THR G 57 -3.27 -14.32 -13.52
N THR G 58 -3.91 -14.64 -12.42
CA THR G 58 -4.40 -13.57 -11.56
C THR G 58 -3.28 -12.98 -10.72
N GLN G 59 -2.21 -13.74 -10.45
CA GLN G 59 -1.12 -13.30 -9.53
C GLN G 59 0.02 -12.55 -10.28
N PHE G 60 0.10 -12.76 -11.61
CA PHE G 60 1.21 -12.23 -12.43
C PHE G 60 0.68 -11.66 -13.76
N PRO G 61 0.66 -10.33 -13.87
CA PRO G 61 0.22 -9.70 -15.11
C PRO G 61 0.86 -10.22 -16.41
N GLN G 62 2.14 -10.57 -16.40
CA GLN G 62 2.76 -11.12 -17.63
C GLN G 62 2.06 -12.39 -18.06
N ILE G 63 1.64 -13.18 -17.06
CA ILE G 63 0.98 -14.46 -17.36
C ILE G 63 -0.46 -14.22 -17.79
N GLY G 64 -1.12 -13.27 -17.14
CA GLY G 64 -2.45 -12.82 -17.57
C GLY G 64 -2.44 -12.40 -19.04
N ASP G 65 -1.41 -11.64 -19.43
N ASP G 65 -1.40 -11.65 -19.43
CA ASP G 65 -1.21 -11.17 -20.81
CA ASP G 65 -1.23 -11.18 -20.81
C ASP G 65 -0.98 -12.33 -21.77
C ASP G 65 -0.96 -12.31 -21.78
N TRP G 66 -0.09 -13.24 -21.37
CA TRP G 66 0.22 -14.44 -22.15
C TRP G 66 -1.07 -15.22 -22.44
N ASN G 67 -1.89 -15.40 -21.41
CA ASN G 67 -3.18 -16.09 -21.54
C ASN G 67 -4.05 -15.47 -22.62
N GLU G 68 -4.20 -14.15 -22.56
CA GLU G 68 -4.99 -13.41 -23.54
C GLU G 68 -4.40 -13.51 -24.94
N ASP G 69 -3.08 -13.33 -25.05
CA ASP G 69 -2.40 -13.41 -26.35
C ASP G 69 -2.59 -14.78 -26.99
N GLN G 70 -2.37 -15.85 -26.21
CA GLN G 70 -2.50 -17.22 -26.75
C GLN G 70 -3.97 -17.54 -27.07
N ALA G 71 -4.90 -16.98 -26.31
CA ALA G 71 -6.32 -17.21 -26.56
C ALA G 71 -6.71 -16.58 -27.91
N ALA G 72 -6.19 -15.38 -28.16
CA ALA G 72 -6.42 -14.70 -29.45
C ALA G 72 -5.83 -15.48 -30.64
N ALA G 73 -4.60 -16.00 -30.48
CA ALA G 73 -3.97 -16.81 -31.54
C ALA G 73 -4.73 -18.11 -31.82
N LEU G 74 -5.21 -18.76 -30.77
CA LEU G 74 -5.98 -20.00 -30.96
C LEU G 74 -7.35 -19.71 -31.62
N ALA G 75 -7.99 -18.61 -31.25
CA ALA G 75 -9.25 -18.21 -31.88
C ALA G 75 -9.03 -17.95 -33.37
N ASP G 76 -7.88 -17.37 -33.72
CA ASP G 76 -7.50 -17.15 -35.12
C ASP G 76 -7.35 -18.48 -35.86
N ARG G 77 -6.72 -19.46 -35.22
N ARG G 77 -6.69 -19.45 -35.23
CA ARG G 77 -6.54 -20.79 -35.82
CA ARG G 77 -6.55 -20.80 -35.79
C ARG G 77 -7.89 -21.49 -36.02
C ARG G 77 -7.93 -21.39 -36.08
N ALA G 78 -8.80 -21.31 -35.08
CA ALA G 78 -10.18 -21.78 -35.21
C ALA G 78 -10.87 -21.09 -36.39
N GLN G 79 -10.68 -19.79 -36.53
CA GLN G 79 -11.28 -19.07 -37.67
C GLN G 79 -10.76 -19.63 -39.02
N THR G 80 -9.47 -19.91 -39.09
CA THR G 80 -8.87 -20.47 -40.30
C THR G 80 -9.35 -21.89 -40.57
N CYS G 81 -9.79 -22.57 -39.52
CA CYS G 81 -10.39 -23.90 -39.65
C CYS G 81 -11.90 -23.87 -39.92
N GLY G 82 -12.44 -22.67 -40.10
CA GLY G 82 -13.88 -22.43 -40.33
C GLY G 82 -14.80 -22.68 -39.13
N LEU G 83 -14.27 -22.53 -37.91
CA LEU G 83 -15.03 -22.91 -36.70
C LEU G 83 -15.74 -21.73 -36.03
N VAL G 84 -15.29 -20.53 -36.34
CA VAL G 84 -15.93 -19.32 -35.85
C VAL G 84 -16.02 -18.24 -36.94
N LYS G 85 -16.92 -17.30 -36.75
CA LYS G 85 -17.11 -16.22 -37.69
C LYS G 85 -16.10 -15.10 -37.45
N ALA G 86 -15.59 -14.53 -38.54
CA ALA G 86 -14.74 -13.34 -38.46
C ALA G 86 -15.53 -12.19 -37.83
N ASP G 87 -14.95 -11.50 -36.84
CA ASP G 87 -15.63 -10.32 -36.28
C ASP G 87 -15.81 -9.20 -37.30
N THR G 88 -16.84 -8.39 -37.05
CA THR G 88 -17.30 -7.35 -37.96
C THR G 88 -17.88 -6.19 -37.16
N TYR G 89 -18.59 -5.26 -37.92
CA TYR G 89 -19.61 -4.35 -37.29
C TYR G 89 -19.00 -3.20 -36.43
N LEU H 13 -12.45 13.64 4.68
CA LEU H 13 -11.94 12.48 3.89
C LEU H 13 -11.52 11.31 4.78
N SER H 14 -12.16 10.15 4.57
CA SER H 14 -11.73 8.95 5.28
C SER H 14 -10.56 8.27 4.58
N PRO H 15 -9.55 7.87 5.36
CA PRO H 15 -8.39 7.13 4.84
C PRO H 15 -8.82 5.86 4.13
N GLN H 16 -10.02 5.39 4.48
CA GLN H 16 -10.56 4.16 3.88
C GLN H 16 -10.83 4.36 2.40
N TYR H 17 -10.86 5.61 1.93
CA TYR H 17 -11.02 5.80 0.49
C TYR H 17 -9.88 6.56 -0.17
N ASN H 18 -8.69 6.50 0.41
CA ASN H 18 -7.51 7.10 -0.25
C ASN H 18 -6.94 6.10 -1.25
N TRP H 19 -5.92 6.54 -2.01
CA TRP H 19 -5.39 5.70 -3.10
C TRP H 19 -4.72 4.43 -2.60
N VAL H 20 -4.22 4.45 -1.38
CA VAL H 20 -3.56 3.24 -0.82
C VAL H 20 -4.62 2.21 -0.53
N ALA H 21 -5.63 2.56 0.27
CA ALA H 21 -6.73 1.64 0.55
C ALA H 21 -7.42 1.15 -0.73
N CYS H 22 -7.70 2.09 -1.63
CA CYS H 22 -8.36 1.77 -2.89
C CYS H 22 -7.49 0.88 -3.79
N GLY H 23 -6.18 1.13 -3.78
CA GLY H 23 -5.18 0.34 -4.54
C GLY H 23 -5.09 -1.09 -4.02
N ILE H 24 -5.15 -1.24 -2.69
CA ILE H 24 -5.17 -2.58 -2.07
C ILE H 24 -6.46 -3.31 -2.46
N LEU H 25 -7.59 -2.64 -2.38
CA LEU H 25 -8.88 -3.24 -2.80
C LEU H 25 -8.82 -3.68 -4.26
N GLU H 26 -8.32 -2.81 -5.15
CA GLU H 26 -8.24 -3.15 -6.57
C GLU H 26 -7.36 -4.39 -6.79
N GLY H 27 -6.16 -4.38 -6.20
CA GLY H 27 -5.20 -5.49 -6.34
C GLY H 27 -5.83 -6.76 -5.81
N GLY H 28 -6.46 -6.66 -4.64
CA GLY H 28 -7.08 -7.87 -4.04
C GLY H 28 -8.19 -8.44 -4.89
N LEU H 29 -9.03 -7.56 -5.45
CA LEU H 29 -10.17 -8.00 -6.24
C LEU H 29 -9.71 -8.59 -7.55
N LYS H 30 -8.63 -8.05 -8.12
CA LYS H 30 -8.02 -8.65 -9.32
C LYS H 30 -7.38 -10.00 -9.00
N ALA H 31 -6.63 -10.09 -7.91
CA ALA H 31 -5.99 -11.35 -7.54
C ALA H 31 -7.02 -12.43 -7.29
N ALA H 32 -8.18 -12.03 -6.78
CA ALA H 32 -9.29 -12.96 -6.49
C ALA H 32 -10.05 -13.38 -7.75
N GLY H 33 -9.72 -12.75 -8.88
CA GLY H 33 -10.30 -13.03 -10.21
C GLY H 33 -11.73 -12.52 -10.38
N VAL H 34 -12.13 -11.51 -9.61
CA VAL H 34 -13.48 -10.95 -9.71
C VAL H 34 -13.59 -9.59 -10.42
N LEU H 35 -12.55 -8.76 -10.29
CA LEU H 35 -12.54 -7.44 -10.92
C LEU H 35 -11.96 -7.51 -12.32
N GLU H 36 -12.68 -6.90 -13.27
CA GLU H 36 -12.30 -6.84 -14.69
C GLU H 36 -12.25 -5.39 -15.14
N GLU H 37 -11.53 -5.14 -16.23
CA GLU H 37 -11.57 -3.84 -16.89
C GLU H 37 -12.97 -3.56 -17.43
N GLY H 38 -13.47 -2.36 -17.16
CA GLY H 38 -14.71 -1.90 -17.76
C GLY H 38 -15.98 -2.43 -17.14
N GLN H 39 -15.89 -2.92 -15.89
CA GLN H 39 -17.04 -3.52 -15.20
C GLN H 39 -17.96 -2.47 -14.61
N TYR H 40 -19.24 -2.80 -14.56
CA TYR H 40 -20.24 -2.08 -13.78
C TYR H 40 -20.35 -2.71 -12.40
N ASN H 41 -20.85 -1.91 -11.45
CA ASN H 41 -21.10 -2.32 -10.06
C ASN H 41 -21.79 -3.69 -10.01
N ARG H 42 -22.94 -3.79 -10.68
CA ARG H 42 -23.70 -5.06 -10.66
C ARG H 42 -22.87 -6.26 -11.11
N GLU H 43 -22.05 -6.08 -12.15
CA GLU H 43 -21.21 -7.16 -12.68
C GLU H 43 -20.18 -7.65 -11.65
N LEU H 44 -19.55 -6.70 -10.96
CA LEU H 44 -18.60 -7.04 -9.89
C LEU H 44 -19.33 -7.75 -8.76
N ALA H 45 -20.49 -7.22 -8.37
CA ALA H 45 -21.25 -7.82 -7.27
C ALA H 45 -21.60 -9.28 -7.61
N GLU H 46 -21.99 -9.51 -8.85
CA GLU H 46 -22.37 -10.86 -9.25
C GLU H 46 -21.15 -11.81 -9.31
N ALA H 47 -20.01 -11.28 -9.74
CA ALA H 47 -18.77 -12.06 -9.80
C ALA H 47 -18.35 -12.47 -8.39
N ILE H 48 -18.43 -11.54 -7.44
CA ILE H 48 -18.06 -11.82 -6.04
C ILE H 48 -19.00 -12.88 -5.47
N ALA H 49 -20.31 -12.66 -5.66
CA ALA H 49 -21.31 -13.59 -5.12
C ALA H 49 -21.09 -15.00 -5.70
N ALA H 50 -20.80 -15.10 -7.01
CA ALA H 50 -20.50 -16.39 -7.64
C ALA H 50 -19.35 -17.13 -6.96
N LYS H 51 -18.28 -16.39 -6.63
CA LYS H 51 -17.11 -17.00 -6.01
C LYS H 51 -17.34 -17.25 -4.52
N GLY H 52 -18.40 -16.65 -3.97
CA GLY H 52 -18.77 -16.88 -2.59
C GLY H 52 -19.70 -18.06 -2.40
N GLU H 53 -20.27 -18.55 -3.49
CA GLU H 53 -21.21 -19.70 -3.37
C GLU H 53 -20.49 -21.00 -3.00
N GLY H 54 -21.17 -21.85 -2.25
CA GLY H 54 -20.53 -23.11 -1.84
C GLY H 54 -21.53 -23.91 -1.06
N PHE H 55 -21.01 -24.86 -0.31
CA PHE H 55 -21.83 -25.76 0.49
C PHE H 55 -22.80 -24.97 1.37
N TRP H 56 -22.30 -23.98 2.10
CA TRP H 56 -23.20 -23.31 3.06
C TRP H 56 -24.24 -22.43 2.39
N THR H 57 -23.89 -21.76 1.27
CA THR H 57 -24.88 -20.88 0.66
C THR H 57 -26.02 -21.66 0.05
N THR H 58 -25.73 -22.85 -0.47
CA THR H 58 -26.79 -23.66 -1.11
C THR H 58 -27.67 -24.35 -0.07
N GLN H 59 -27.08 -24.75 1.05
CA GLN H 59 -27.81 -25.54 2.07
C GLN H 59 -28.62 -24.64 3.03
N PHE H 60 -28.26 -23.36 3.11
CA PHE H 60 -28.87 -22.42 4.07
C PHE H 60 -29.19 -21.10 3.37
N PRO H 61 -30.46 -20.90 3.03
CA PRO H 61 -30.81 -19.66 2.32
C PRO H 61 -30.42 -18.36 3.02
N GLN H 62 -30.36 -18.31 4.36
CA GLN H 62 -29.84 -17.17 5.14
C GLN H 62 -28.40 -16.81 4.74
N ILE H 63 -27.61 -17.85 4.45
CA ILE H 63 -26.20 -17.69 4.14
C ILE H 63 -26.06 -17.29 2.67
N GLY H 64 -26.92 -17.84 1.81
CA GLY H 64 -27.00 -17.41 0.40
C GLY H 64 -27.28 -15.90 0.34
N ASP H 65 -28.23 -15.46 1.18
CA ASP H 65 -28.58 -14.04 1.29
C ASP H 65 -27.38 -13.20 1.77
N TRP H 66 -26.69 -13.70 2.80
CA TRP H 66 -25.53 -13.03 3.36
C TRP H 66 -24.46 -12.82 2.28
N ASN H 67 -24.20 -13.89 1.52
CA ASN H 67 -23.25 -13.82 0.37
C ASN H 67 -23.64 -12.70 -0.60
N GLU H 68 -24.91 -12.67 -1.01
CA GLU H 68 -25.37 -11.67 -1.96
C GLU H 68 -25.26 -10.25 -1.39
N ASP H 69 -25.70 -10.08 -0.14
CA ASP H 69 -25.67 -8.76 0.50
C ASP H 69 -24.24 -8.23 0.64
N GLN H 70 -23.33 -9.10 1.05
CA GLN H 70 -21.94 -8.69 1.29
C GLN H 70 -21.24 -8.43 -0.04
N ALA H 71 -21.60 -9.22 -1.06
CA ALA H 71 -21.07 -9.00 -2.43
C ALA H 71 -21.49 -7.63 -2.96
N ALA H 72 -22.76 -7.28 -2.78
CA ALA H 72 -23.23 -5.94 -3.17
C ALA H 72 -22.55 -4.81 -2.37
N ALA H 73 -22.36 -5.02 -1.06
CA ALA H 73 -21.70 -3.99 -0.24
C ALA H 73 -20.26 -3.77 -0.68
N LEU H 74 -19.57 -4.87 -0.99
CA LEU H 74 -18.18 -4.78 -1.42
C LEU H 74 -18.08 -4.11 -2.79
N ALA H 75 -19.00 -4.45 -3.69
CA ALA H 75 -19.03 -3.81 -5.03
C ALA H 75 -19.27 -2.32 -4.90
N ASP H 76 -20.10 -1.92 -3.93
CA ASP H 76 -20.34 -0.47 -3.66
C ASP H 76 -19.05 0.25 -3.19
N ARG H 77 -18.30 -0.40 -2.29
CA ARG H 77 -17.00 0.12 -1.90
C ARG H 77 -16.04 0.28 -3.10
N ALA H 78 -16.06 -0.71 -3.98
CA ALA H 78 -15.23 -0.67 -5.20
C ALA H 78 -15.64 0.49 -6.09
N GLN H 79 -16.94 0.72 -6.18
CA GLN H 79 -17.43 1.88 -6.95
C GLN H 79 -16.92 3.17 -6.34
N THR H 80 -17.01 3.29 -5.01
CA THR H 80 -16.56 4.51 -4.32
C THR H 80 -15.09 4.75 -4.61
N CYS H 81 -14.33 3.66 -4.65
CA CYS H 81 -12.91 3.69 -5.02
C CYS H 81 -12.60 3.93 -6.51
N GLY H 82 -13.63 4.13 -7.32
CA GLY H 82 -13.49 4.36 -8.76
C GLY H 82 -13.06 3.12 -9.54
N LEU H 83 -13.37 1.93 -9.01
CA LEU H 83 -12.92 0.71 -9.65
C LEU H 83 -13.92 0.11 -10.63
N VAL H 84 -15.18 0.48 -10.48
CA VAL H 84 -16.24 0.03 -11.38
C VAL H 84 -17.19 1.19 -11.67
N LYS H 85 -17.95 1.04 -12.75
CA LYS H 85 -18.90 2.07 -13.18
C LYS H 85 -20.21 1.98 -12.41
N ALA H 86 -20.85 3.13 -12.16
CA ALA H 86 -22.23 3.15 -11.63
C ALA H 86 -23.21 2.45 -12.60
N ASP H 87 -24.19 1.75 -12.04
CA ASP H 87 -25.25 1.11 -12.83
C ASP H 87 -26.11 2.17 -13.52
N THR H 88 -26.59 1.88 -14.74
CA THR H 88 -27.45 2.83 -15.49
C THR H 88 -28.70 2.16 -16.09
N TYR H 89 -29.62 3.00 -16.61
CA TYR H 89 -30.78 2.53 -17.35
C TYR H 89 -30.38 1.74 -18.60
N GLU I 12 3.05 28.26 47.95
CA GLU I 12 3.29 27.24 49.03
C GLU I 12 4.15 26.07 48.54
N LEU I 13 5.20 25.78 49.32
CA LEU I 13 6.08 24.65 49.05
C LEU I 13 5.34 23.32 49.22
N SER I 14 5.49 22.45 48.21
CA SER I 14 4.87 21.14 48.23
C SER I 14 5.77 20.13 48.95
N PRO I 15 5.20 19.37 49.89
CA PRO I 15 5.93 18.31 50.59
C PRO I 15 6.39 17.20 49.65
N GLN I 16 5.92 17.22 48.41
CA GLN I 16 6.43 16.31 47.41
C GLN I 16 7.88 16.68 47.06
N TYR I 17 8.36 17.76 47.65
CA TYR I 17 9.69 18.23 47.36
C TYR I 17 10.49 18.49 48.64
N ASN I 18 10.01 17.99 49.77
CA ASN I 18 10.80 18.03 51.00
C ASN I 18 11.91 17.01 50.92
N TRP I 19 12.79 17.03 51.92
CA TRP I 19 14.00 16.22 51.88
C TRP I 19 13.68 14.74 51.91
N VAL I 20 12.56 14.37 52.56
CA VAL I 20 12.12 12.92 52.63
C VAL I 20 11.71 12.46 51.26
N ALA I 21 10.70 13.13 50.71
CA ALA I 21 10.22 12.89 49.36
C ALA I 21 11.38 12.79 48.35
N CYS I 22 12.29 13.77 48.38
CA CYS I 22 13.40 13.83 47.40
C CYS I 22 14.45 12.72 47.55
N GLY I 23 14.68 12.31 48.79
CA GLY I 23 15.58 11.15 49.04
C GLY I 23 15.00 9.85 48.47
N ILE I 24 13.70 9.68 48.63
CA ILE I 24 13.03 8.48 48.09
C ILE I 24 13.10 8.50 46.57
N LEU I 25 12.84 9.66 45.98
CA LEU I 25 12.99 9.86 44.53
C LEU I 25 14.40 9.52 44.05
N GLU I 26 15.41 10.07 44.74
CA GLU I 26 16.79 9.77 44.38
C GLU I 26 17.09 8.27 44.44
N GLY I 27 16.70 7.62 45.54
CA GLY I 27 16.86 6.15 45.68
C GLY I 27 16.20 5.37 44.55
N GLY I 28 14.99 5.77 44.19
CA GLY I 28 14.21 5.10 43.15
C GLY I 28 14.83 5.26 41.78
N LEU I 29 15.30 6.47 41.48
CA LEU I 29 15.96 6.75 40.20
C LEU I 29 17.32 6.04 40.08
N LYS I 30 18.03 5.93 41.20
CA LYS I 30 19.27 5.13 41.23
C LYS I 30 18.94 3.64 41.09
N ALA I 31 17.90 3.17 41.77
CA ALA I 31 17.50 1.75 41.67
C ALA I 31 17.18 1.38 40.25
N ALA I 32 16.59 2.35 39.54
CA ALA I 32 16.18 2.16 38.15
C ALA I 32 17.34 2.30 37.18
N GLY I 33 18.50 2.73 37.67
CA GLY I 33 19.72 2.91 36.88
C GLY I 33 19.68 4.04 35.86
N VAL I 34 18.92 5.09 36.16
CA VAL I 34 18.82 6.23 35.25
C VAL I 34 19.58 7.43 35.77
N LEU I 35 19.70 7.53 37.09
CA LEU I 35 20.37 8.65 37.73
C LEU I 35 21.87 8.39 37.94
N GLU I 36 22.70 9.33 37.52
CA GLU I 36 24.13 9.21 37.69
C GLU I 36 24.70 10.48 38.31
N GLU I 37 25.96 10.41 38.72
CA GLU I 37 26.68 11.57 39.24
C GLU I 37 26.94 12.59 38.15
N GLY I 38 26.67 13.86 38.47
CA GLY I 38 27.02 14.96 37.57
C GLY I 38 26.09 15.17 36.40
N GLN I 39 24.97 14.45 36.39
CA GLN I 39 24.00 14.51 35.30
C GLN I 39 23.29 15.84 35.14
N TYR I 40 23.08 16.25 33.89
CA TYR I 40 22.18 17.35 33.58
C TYR I 40 20.74 16.87 33.39
N ASN I 41 19.79 17.81 33.48
CA ASN I 41 18.37 17.49 33.32
C ASN I 41 18.13 16.69 32.03
N ARG I 42 18.66 17.20 30.93
CA ARG I 42 18.56 16.55 29.62
C ARG I 42 19.02 15.09 29.60
N GLU I 43 20.17 14.81 30.23
CA GLU I 43 20.72 13.46 30.26
C GLU I 43 19.83 12.49 31.02
N LEU I 44 19.28 12.96 32.14
CA LEU I 44 18.36 12.16 32.93
C LEU I 44 17.09 11.88 32.14
N ALA I 45 16.49 12.91 31.54
CA ALA I 45 15.30 12.67 30.73
C ALA I 45 15.55 11.63 29.62
N GLU I 46 16.71 11.69 28.96
CA GLU I 46 17.05 10.75 27.90
C GLU I 46 17.28 9.33 28.44
N ALA I 47 17.86 9.21 29.64
CA ALA I 47 18.08 7.91 30.26
C ALA I 47 16.74 7.27 30.64
N ILE I 48 15.83 8.08 31.16
CA ILE I 48 14.49 7.57 31.54
C ILE I 48 13.74 7.15 30.28
N ALA I 49 13.77 8.01 29.28
CA ALA I 49 13.09 7.69 28.01
C ALA I 49 13.60 6.38 27.41
N ALA I 50 14.93 6.16 27.43
CA ALA I 50 15.52 4.94 26.87
C ALA I 50 15.00 3.70 27.62
N LYS I 51 14.94 3.79 28.93
CA LYS I 51 14.41 2.68 29.73
C LYS I 51 12.92 2.51 29.59
N GLY I 52 12.21 3.57 29.19
CA GLY I 52 10.75 3.49 28.95
C GLY I 52 10.39 2.88 27.60
N GLU I 53 11.37 2.74 26.71
CA GLU I 53 11.11 2.21 25.37
C GLU I 53 10.81 0.72 25.43
N GLY I 54 9.89 0.29 24.58
CA GLY I 54 9.53 -1.13 24.47
C GLY I 54 8.49 -1.34 23.38
N PHE I 55 7.77 -2.47 23.47
CA PHE I 55 6.83 -2.87 22.45
C PHE I 55 5.89 -1.74 22.09
N TRP I 56 5.30 -1.08 23.09
CA TRP I 56 4.28 -0.06 22.78
C TRP I 56 4.88 1.23 22.22
N THR I 57 6.03 1.65 22.74
CA THR I 57 6.59 2.94 22.28
C THR I 57 7.10 2.88 20.87
N THR I 58 7.64 1.76 20.46
CA THR I 58 8.15 1.66 19.07
C THR I 58 7.03 1.36 18.07
N GLN I 59 5.88 0.83 18.52
CA GLN I 59 4.78 0.46 17.57
C GLN I 59 3.74 1.59 17.40
N PHE I 60 3.72 2.53 18.35
CA PHE I 60 2.70 3.59 18.39
C PHE I 60 3.37 4.91 18.72
N PRO I 61 3.49 5.80 17.71
CA PRO I 61 4.06 7.14 17.94
C PRO I 61 3.48 7.96 19.09
N GLN I 62 2.17 7.90 19.32
CA GLN I 62 1.58 8.63 20.46
C GLN I 62 2.19 8.14 21.76
N ILE I 63 2.46 6.83 21.81
CA ILE I 63 3.07 6.25 23.03
C ILE I 63 4.56 6.60 23.15
N GLY I 64 5.29 6.58 22.04
CA GLY I 64 6.67 7.10 22.08
C GLY I 64 6.73 8.54 22.58
N ASP I 65 5.80 9.36 22.13
N ASP I 65 5.80 9.36 22.13
CA ASP I 65 5.70 10.77 22.54
CA ASP I 65 5.69 10.77 22.54
C ASP I 65 5.39 10.87 24.04
C ASP I 65 5.39 10.88 24.05
N TRP I 66 4.42 10.10 24.51
CA TRP I 66 4.06 10.05 25.94
C TRP I 66 5.29 9.68 26.79
N ASN I 67 6.04 8.67 26.34
CA ASN I 67 7.29 8.27 27.00
C ASN I 67 8.27 9.43 27.14
N GLU I 68 8.53 10.14 26.05
CA GLU I 68 9.43 11.28 26.08
C GLU I 68 8.90 12.42 26.95
N ASP I 69 7.59 12.69 26.86
CA ASP I 69 7.02 13.78 27.66
C ASP I 69 7.09 13.45 29.14
N GLN I 70 6.74 12.22 29.50
CA GLN I 70 6.79 11.81 30.93
C GLN I 70 8.22 11.76 31.44
N ALA I 71 9.17 11.39 30.57
CA ALA I 71 10.59 11.38 30.97
C ALA I 71 11.06 12.80 31.27
N ALA I 72 10.65 13.75 30.43
CA ALA I 72 11.04 15.16 30.66
C ALA I 72 10.44 15.71 31.96
N ALA I 73 9.16 15.40 32.21
CA ALA I 73 8.50 15.86 33.43
C ALA I 73 9.15 15.30 34.70
N LEU I 74 9.54 14.04 34.66
CA LEU I 74 10.19 13.41 35.81
C LEU I 74 11.59 13.96 36.02
N ALA I 75 12.29 14.26 34.93
CA ALA I 75 13.63 14.86 35.01
C ALA I 75 13.56 16.23 35.66
N ASP I 76 12.53 17.02 35.35
CA ASP I 76 12.25 18.31 35.99
C ASP I 76 11.99 18.13 37.48
N ARG I 77 11.23 17.10 37.85
CA ARG I 77 10.95 16.83 39.26
C ARG I 77 12.25 16.52 40.00
N ALA I 78 13.13 15.77 39.35
CA ALA I 78 14.45 15.44 39.88
C ALA I 78 15.31 16.69 40.08
N GLN I 79 15.24 17.61 39.11
CA GLN I 79 15.98 18.87 39.23
C GLN I 79 15.49 19.67 40.44
N THR I 80 14.17 19.69 40.63
CA THR I 80 13.58 20.43 41.72
C THR I 80 14.08 19.83 43.03
N CYS I 81 14.23 18.51 43.05
CA CYS I 81 14.76 17.78 44.20
C CYS I 81 16.27 17.86 44.37
N GLY I 82 16.90 18.65 43.51
CA GLY I 82 18.34 18.91 43.53
C GLY I 82 19.21 17.75 43.11
N LEU I 83 18.64 16.84 42.30
CA LEU I 83 19.29 15.59 41.93
C LEU I 83 20.02 15.66 40.58
N VAL I 84 19.68 16.64 39.76
CA VAL I 84 20.39 16.88 38.49
C VAL I 84 20.61 18.38 38.27
N LYS I 85 21.59 18.71 37.43
CA LYS I 85 21.89 20.10 37.13
C LYS I 85 20.95 20.66 36.06
N ALA I 86 20.69 21.97 36.16
CA ALA I 86 20.00 22.70 35.09
C ALA I 86 20.84 22.71 33.81
N ASP I 87 20.17 22.61 32.64
CA ASP I 87 20.83 22.61 31.33
C ASP I 87 21.60 23.90 31.02
N THR I 88 22.65 23.67 30.30
CA THR I 88 23.69 24.83 30.12
C THR I 88 23.87 25.50 28.82
#